data_8V1V
#
_entry.id   8V1V
#
_cell.length_a   72.966
_cell.length_b   96.582
_cell.length_c   114.767
_cell.angle_alpha   90.000
_cell.angle_beta   90.000
_cell.angle_gamma   90.000
#
_symmetry.space_group_name_H-M   'P 21 21 21'
#
loop_
_entity.id
_entity.type
_entity.pdbx_description
1 polymer 'DNA ligase 1'
2 polymer "DNA (5'-D(*GP*CP*TP*GP*AP*TP*GP*CP*GP*TP*C)-3')"
3 polymer "DNA (5'-D(P*GP*TP*CP*GP*GP*AP*C)-3')"
4 polymer "DNA (5'-D(*GP*TP*CP*CP*GP*AP*(OHU)P*GP*AP*CP*GP*CP*AP*TP*CP*AP*GP*C)-3')"
5 non-polymer GLYCEROL
6 non-polymer '2-(N-MORPHOLINO)-ETHANESULFONIC ACID'
7 non-polymer 'ADENOSINE MONOPHOSPHATE'
8 non-polymer 'SODIUM ION'
9 water water
#
loop_
_entity_poly.entity_id
_entity_poly.type
_entity_poly.pdbx_seq_one_letter_code
_entity_poly.pdbx_strand_id
1 'polypeptide(L)'
;SNDMDPSGYNPAKNNYHPVEDACWKPGQKVPYLAVARTFEKIEEVSARLRMVETLSNLLRSVVALSPPDLLPVLYLSLNH
LGPPQQGLELGVGDGVLLKAVAQATGRQLESVRAEAAEKGDVGLVAENSRSTQRLMLPPPPLTASGVFSKFRDIARLTGS
ASTAKKIDIIKGLFVACRHSEARFIARSLSGRLRLGLAEQSVLAALSQAVSLTPPGQEFPPAMVDAGKGKTAEARKTWLE
EQGMILKQTFCEVPDLDRIIPVLLEHGLERLPEHCKLSPGIPLKPMLAHPTRGISEVLKRFEEAAFTCEYKYDGQRAQIH
ALEGGEVKIFSRNQEDNTGKYPDIISRIPKIKLPSVTSFILDTEAVAWDREKKQIQPFQVLTTRKRKEVDASEIQVQVCL
YAFDLIYLNGESLVREPLSRRRQLLRENFVETEGEFVFATSLDTKDIEQIAEFLEQSVKDSCEGLMVKTLDVDATYEIAK
RSHNWLKLKKDYLDGVGDTLDLVVIGAYLGRGKRAGRYGGFLLASYDEDSEELQAICKLGTGFSDEELEEHHQSLKALVL
PSPRPYVRIDGAVIPDHWLDPSAVWEVKCADLSLSPIYPAARGLVDSDKGISLRLPRFIRVREDKQPEQATTSAQVACLY
RKQSQIQ
;
A
2 'polydeoxyribonucleotide' (DG)(DC)(DT)(DG)(DA)(DT)(DG)(DC)(DG)(DT)(DC) B
3 'polydeoxyribonucleotide' (DG)(DT)(DC)(DG)(DG)(DA)(DC) C
4 'polydeoxyribonucleotide' (DG)(DT)(DC)(DC)(DG)(DA)(OHU)(DG)(DA)(DC)(DG)(DC)(DA)(DT)(DC)(DA)(DG)(DC) D
#
# COMPACT_ATOMS: atom_id res chain seq x y z
N SER A 1 -21.01 -15.47 36.26
CA SER A 1 -19.99 -15.01 35.33
C SER A 1 -20.62 -14.39 34.09
N ASN A 2 -19.78 -13.79 33.24
CA ASN A 2 -20.22 -13.15 32.01
C ASN A 2 -20.31 -14.21 30.92
N ASP A 3 -21.52 -14.75 30.71
CA ASP A 3 -21.76 -15.79 29.72
C ASP A 3 -22.29 -15.23 28.40
N MET A 4 -22.15 -13.92 28.19
CA MET A 4 -22.59 -13.31 26.94
C MET A 4 -22.00 -14.06 25.75
N ASP A 5 -22.87 -14.62 24.92
CA ASP A 5 -22.40 -15.26 23.71
C ASP A 5 -21.77 -14.22 22.79
N PRO A 6 -20.62 -14.51 22.18
CA PRO A 6 -19.98 -13.52 21.31
C PRO A 6 -20.87 -13.04 20.18
N SER A 7 -21.87 -13.83 19.76
CA SER A 7 -22.73 -13.41 18.67
C SER A 7 -23.45 -12.11 19.01
N GLY A 8 -23.67 -11.82 20.29
CA GLY A 8 -24.28 -10.60 20.73
C GLY A 8 -23.32 -9.50 21.13
N TYR A 9 -22.02 -9.69 20.93
CA TYR A 9 -21.04 -8.68 21.31
C TYR A 9 -21.27 -7.40 20.51
N ASN A 10 -21.34 -6.27 21.22
CA ASN A 10 -21.61 -4.97 20.61
C ASN A 10 -20.61 -3.95 21.12
N PRO A 11 -19.47 -3.78 20.46
CA PRO A 11 -18.50 -2.77 20.88
C PRO A 11 -18.85 -1.35 20.46
N ALA A 12 -20.00 -1.15 19.80
CA ALA A 12 -20.45 0.17 19.40
C ALA A 12 -21.54 0.72 20.31
N LYS A 13 -21.75 0.09 21.47
CA LYS A 13 -22.83 0.52 22.35
C LYS A 13 -22.42 1.74 23.16
N ASN A 14 -23.43 2.49 23.61
CA ASN A 14 -23.20 3.59 24.51
C ASN A 14 -22.68 3.08 25.85
N ASN A 15 -21.80 3.86 26.47
CA ASN A 15 -21.30 3.57 27.80
C ASN A 15 -20.73 2.15 27.87
N TYR A 16 -19.82 1.86 26.95
CA TYR A 16 -19.19 0.55 26.90
C TYR A 16 -18.25 0.36 28.09
N HIS A 17 -18.42 -0.74 28.81
CA HIS A 17 -17.59 -1.06 29.96
C HIS A 17 -16.64 -2.19 29.58
N PRO A 18 -15.31 -2.00 29.67
CA PRO A 18 -14.40 -3.01 29.12
C PRO A 18 -14.59 -4.41 29.69
N VAL A 19 -14.91 -4.53 30.97
CA VAL A 19 -15.01 -5.85 31.58
C VAL A 19 -16.40 -6.45 31.36
N GLU A 20 -17.44 -5.69 31.72
CA GLU A 20 -18.79 -6.23 31.74
C GLU A 20 -19.40 -6.37 30.36
N ASP A 21 -18.98 -5.57 29.40
CA ASP A 21 -19.54 -5.63 28.05
C ASP A 21 -18.72 -6.50 27.11
N ALA A 22 -17.63 -7.09 27.58
CA ALA A 22 -16.89 -8.05 26.77
C ALA A 22 -17.66 -9.36 26.69
N CYS A 23 -17.50 -10.07 25.57
CA CYS A 23 -18.10 -11.37 25.40
C CYS A 23 -17.14 -12.51 25.75
N TRP A 24 -16.19 -12.25 26.64
CA TRP A 24 -15.33 -13.29 27.16
C TRP A 24 -14.94 -12.93 28.59
N LYS A 25 -14.43 -13.91 29.31
CA LYS A 25 -14.18 -13.80 30.73
C LYS A 25 -12.72 -13.46 31.00
N PRO A 26 -12.39 -12.99 32.19
CA PRO A 26 -10.99 -12.70 32.52
C PRO A 26 -10.12 -13.95 32.35
N GLY A 27 -9.00 -13.78 31.68
CA GLY A 27 -8.07 -14.88 31.44
C GLY A 27 -8.45 -15.80 30.30
N GLN A 28 -9.53 -15.50 29.57
CA GLN A 28 -9.97 -16.30 28.45
C GLN A 28 -9.41 -15.73 27.14
N LYS A 29 -9.10 -16.63 26.21
CA LYS A 29 -8.71 -16.22 24.87
C LYS A 29 -9.78 -15.32 24.26
N VAL A 30 -9.36 -14.23 23.64
CA VAL A 30 -10.30 -13.36 22.93
C VAL A 30 -10.95 -14.19 21.82
N PRO A 31 -12.27 -14.38 21.81
CA PRO A 31 -12.89 -15.10 20.71
C PRO A 31 -12.73 -14.35 19.40
N TYR A 32 -12.47 -15.09 18.32
CA TYR A 32 -12.35 -14.43 17.02
C TYR A 32 -13.68 -13.81 16.61
N LEU A 33 -14.80 -14.38 17.05
CA LEU A 33 -16.10 -13.79 16.74
C LEU A 33 -16.23 -12.40 17.36
N ALA A 34 -15.55 -12.15 18.49
CA ALA A 34 -15.52 -10.81 19.04
C ALA A 34 -14.87 -9.84 18.06
N VAL A 35 -13.79 -10.26 17.42
CA VAL A 35 -13.13 -9.41 16.43
C VAL A 35 -14.03 -9.23 15.21
N ALA A 36 -14.65 -10.31 14.74
CA ALA A 36 -15.54 -10.21 13.59
C ALA A 36 -16.68 -9.24 13.86
N ARG A 37 -17.36 -9.39 15.01
CA ARG A 37 -18.44 -8.48 15.35
C ARG A 37 -17.97 -7.03 15.40
N THR A 38 -16.74 -6.80 15.88
CA THR A 38 -16.19 -5.46 15.85
C THR A 38 -16.00 -4.97 14.42
N PHE A 39 -15.49 -5.83 13.53
CA PHE A 39 -15.37 -5.47 12.12
C PHE A 39 -16.73 -5.09 11.54
N GLU A 40 -17.77 -5.88 11.84
CA GLU A 40 -19.10 -5.57 11.33
C GLU A 40 -19.53 -4.16 11.73
N LYS A 41 -19.44 -3.86 13.02
CA LYS A 41 -19.86 -2.55 13.50
C LYS A 41 -19.04 -1.44 12.85
N ILE A 42 -17.78 -1.73 12.50
CA ILE A 42 -16.91 -0.70 11.93
C ILE A 42 -17.25 -0.45 10.47
N GLU A 43 -17.61 -1.49 9.72
CA GLU A 43 -17.85 -1.32 8.30
C GLU A 43 -19.21 -0.70 7.99
N GLU A 44 -20.13 -0.72 8.95
CA GLU A 44 -21.45 -0.13 8.75
C GLU A 44 -21.52 1.35 9.11
N VAL A 45 -20.39 1.96 9.48
CA VAL A 45 -20.32 3.39 9.76
C VAL A 45 -19.24 4.00 8.87
N SER A 46 -19.40 5.28 8.56
CA SER A 46 -18.52 5.98 7.63
C SER A 46 -17.65 7.04 8.29
N ALA A 47 -17.89 7.37 9.56
CA ALA A 47 -17.08 8.36 10.26
C ALA A 47 -15.91 7.67 10.97
N ARG A 48 -14.69 8.14 10.66
CA ARG A 48 -13.50 7.53 11.24
C ARG A 48 -13.53 7.55 12.76
N LEU A 49 -13.95 8.67 13.36
CA LEU A 49 -13.96 8.75 14.82
C LEU A 49 -14.90 7.71 15.42
N ARG A 50 -16.03 7.42 14.75
CA ARG A 50 -16.92 6.37 15.24
C ARG A 50 -16.26 4.99 15.12
N MET A 51 -15.53 4.77 14.03
CA MET A 51 -14.79 3.52 13.88
C MET A 51 -13.70 3.37 14.93
N VAL A 52 -13.01 4.48 15.25
CA VAL A 52 -11.94 4.42 16.23
C VAL A 52 -12.51 4.10 17.61
N GLU A 53 -13.62 4.77 17.98
CA GLU A 53 -14.28 4.49 19.25
C GLU A 53 -14.64 3.02 19.38
N THR A 54 -15.22 2.45 18.32
CA THR A 54 -15.64 1.06 18.36
C THR A 54 -14.45 0.14 18.56
N LEU A 55 -13.42 0.27 17.72
CA LEU A 55 -12.24 -0.56 17.88
C LEU A 55 -11.59 -0.32 19.24
N SER A 56 -11.53 0.93 19.68
CA SER A 56 -10.97 1.24 20.98
C SER A 56 -11.66 0.46 22.10
N ASN A 57 -12.98 0.28 21.99
CA ASN A 57 -13.71 -0.46 23.01
C ASN A 57 -13.25 -1.92 23.07
N LEU A 58 -13.13 -2.56 21.91
CA LEU A 58 -12.57 -3.90 21.87
C LEU A 58 -11.19 -3.94 22.51
N LEU A 59 -10.32 -3.01 22.12
CA LEU A 59 -8.96 -3.03 22.63
C LEU A 59 -8.92 -2.82 24.14
N ARG A 60 -9.84 -2.03 24.68
CA ARG A 60 -9.88 -1.84 26.14
C ARG A 60 -10.25 -3.14 26.84
N SER A 61 -11.22 -3.88 26.29
CA SER A 61 -11.56 -5.18 26.86
C SER A 61 -10.38 -6.13 26.77
N VAL A 62 -9.62 -6.09 25.68
CA VAL A 62 -8.49 -6.99 25.54
C VAL A 62 -7.40 -6.63 26.54
N VAL A 63 -7.14 -5.33 26.71
CA VAL A 63 -6.16 -4.91 27.70
C VAL A 63 -6.59 -5.35 29.09
N ALA A 64 -7.88 -5.18 29.40
CA ALA A 64 -8.36 -5.45 30.76
C ALA A 64 -8.45 -6.95 31.04
N LEU A 65 -8.77 -7.76 30.03
CA LEU A 65 -9.11 -9.16 30.24
C LEU A 65 -8.09 -10.14 29.67
N SER A 66 -7.40 -9.79 28.59
CA SER A 66 -6.52 -10.75 27.89
C SER A 66 -5.37 -9.99 27.23
N PRO A 67 -4.47 -9.43 28.04
CA PRO A 67 -3.36 -8.62 27.48
C PRO A 67 -2.54 -9.39 26.45
N PRO A 68 -2.26 -10.68 26.67
CA PRO A 68 -1.45 -11.42 25.68
C PRO A 68 -2.04 -11.42 24.28
N ASP A 69 -3.35 -11.24 24.13
CA ASP A 69 -3.99 -11.27 22.82
C ASP A 69 -4.06 -9.90 22.15
N LEU A 70 -3.52 -8.86 22.77
CA LEU A 70 -3.58 -7.53 22.16
C LEU A 70 -2.82 -7.52 20.84
N LEU A 71 -1.65 -8.14 20.80
CA LEU A 71 -0.86 -8.13 19.57
C LEU A 71 -1.55 -8.86 18.42
N PRO A 72 -2.02 -10.10 18.58
CA PRO A 72 -2.75 -10.73 17.46
C PRO A 72 -3.99 -9.98 17.05
N VAL A 73 -4.72 -9.37 17.99
CA VAL A 73 -5.92 -8.62 17.63
C VAL A 73 -5.56 -7.43 16.75
N LEU A 74 -4.47 -6.73 17.08
CA LEU A 74 -4.05 -5.61 16.25
C LEU A 74 -3.68 -6.05 14.84
N TYR A 75 -2.90 -7.13 14.73
CA TYR A 75 -2.49 -7.60 13.40
C TYR A 75 -3.69 -8.04 12.57
N LEU A 76 -4.66 -8.69 13.20
CA LEU A 76 -5.89 -9.02 12.47
C LEU A 76 -6.61 -7.75 12.01
N SER A 77 -6.60 -6.71 12.85
CA SER A 77 -7.27 -5.46 12.48
C SER A 77 -6.57 -4.79 11.30
N LEU A 78 -5.26 -4.98 11.18
CA LEU A 78 -4.48 -4.40 10.09
C LEU A 78 -4.36 -5.33 8.89
N ASN A 79 -4.77 -6.59 9.01
CA ASN A 79 -4.59 -7.58 7.94
C ASN A 79 -3.10 -7.73 7.60
N HIS A 80 -2.30 -7.91 8.64
CA HIS A 80 -0.85 -8.10 8.50
C HIS A 80 -0.41 -9.30 9.31
N LEU A 81 0.64 -9.95 8.84
CA LEU A 81 1.22 -11.11 9.51
C LEU A 81 2.25 -10.72 10.56
N GLY A 82 2.86 -9.55 10.42
CA GLY A 82 3.90 -9.12 11.31
C GLY A 82 4.62 -7.90 10.78
N PRO A 83 5.73 -7.54 11.40
CA PRO A 83 6.50 -6.38 10.95
C PRO A 83 6.84 -6.49 9.48
N PRO A 84 6.81 -5.39 8.72
CA PRO A 84 7.05 -5.50 7.27
C PRO A 84 8.44 -6.02 6.92
N GLN A 85 9.43 -5.84 7.80
CA GLN A 85 10.79 -6.22 7.47
C GLN A 85 11.04 -7.72 7.59
N GLN A 86 10.16 -8.46 8.26
CA GLN A 86 10.32 -9.90 8.38
C GLN A 86 9.89 -10.65 7.12
N GLY A 87 9.36 -9.96 6.12
CA GLY A 87 9.07 -10.60 4.84
C GLY A 87 8.15 -11.79 4.93
N LEU A 88 7.16 -11.74 5.81
CA LEU A 88 6.16 -12.80 5.89
C LEU A 88 5.12 -12.60 4.80
N GLU A 89 4.89 -13.65 4.01
CA GLU A 89 3.89 -13.63 2.94
C GLU A 89 3.01 -14.86 3.07
N LEU A 90 1.70 -14.66 3.07
CA LEU A 90 0.79 -15.80 3.11
C LEU A 90 1.03 -16.74 1.94
N GLY A 91 1.28 -16.19 0.75
CA GLY A 91 1.28 -16.99 -0.45
C GLY A 91 -0.10 -17.42 -0.86
N VAL A 92 -1.12 -16.64 -0.52
CA VAL A 92 -2.52 -16.98 -0.76
C VAL A 92 -3.21 -15.76 -1.34
N GLY A 93 -3.68 -15.88 -2.58
CA GLY A 93 -4.50 -14.89 -3.20
C GLY A 93 -5.89 -15.41 -3.48
N ASP A 94 -6.60 -14.73 -4.38
CA ASP A 94 -7.94 -15.19 -4.75
C ASP A 94 -7.89 -16.57 -5.37
N GLY A 95 -6.80 -16.92 -6.05
CA GLY A 95 -6.68 -18.23 -6.65
C GLY A 95 -6.72 -19.33 -5.61
N VAL A 96 -5.77 -19.31 -4.68
CA VAL A 96 -5.72 -20.34 -3.64
C VAL A 96 -6.98 -20.26 -2.78
N LEU A 97 -7.40 -19.06 -2.40
CA LEU A 97 -8.57 -18.92 -1.53
C LEU A 97 -9.81 -19.52 -2.18
N LEU A 98 -10.11 -19.10 -3.42
CA LEU A 98 -11.31 -19.61 -4.08
C LEU A 98 -11.25 -21.12 -4.28
N LYS A 99 -10.06 -21.65 -4.56
CA LYS A 99 -9.92 -23.10 -4.63
C LYS A 99 -10.26 -23.75 -3.30
N ALA A 100 -9.87 -23.11 -2.19
CA ALA A 100 -10.17 -23.67 -0.88
C ALA A 100 -11.66 -23.67 -0.60
N VAL A 101 -12.35 -22.60 -1.00
CA VAL A 101 -13.80 -22.54 -0.80
C VAL A 101 -14.50 -23.62 -1.60
N ALA A 102 -14.02 -23.88 -2.82
CA ALA A 102 -14.67 -24.88 -3.67
C ALA A 102 -14.58 -26.26 -3.05
N GLN A 103 -13.40 -26.65 -2.58
CA GLN A 103 -13.25 -27.96 -1.96
C GLN A 103 -14.05 -28.05 -0.66
N ALA A 104 -14.10 -26.98 0.11
CA ALA A 104 -14.88 -26.98 1.34
C ALA A 104 -16.39 -27.00 1.09
N THR A 105 -16.82 -26.87 -0.17
CA THR A 105 -18.24 -26.81 -0.50
C THR A 105 -18.65 -27.80 -1.58
N GLY A 106 -17.70 -28.55 -2.15
CA GLY A 106 -18.02 -29.49 -3.21
C GLY A 106 -18.35 -28.85 -4.54
N ARG A 107 -18.16 -27.54 -4.69
CA ARG A 107 -18.51 -26.85 -5.92
C ARG A 107 -17.34 -26.86 -6.90
N GLN A 108 -17.66 -26.64 -8.16
CA GLN A 108 -16.64 -26.46 -9.18
C GLN A 108 -15.95 -25.11 -8.99
N LEU A 109 -14.64 -25.08 -9.26
CA LEU A 109 -13.90 -23.84 -9.10
C LEU A 109 -14.48 -22.72 -9.94
N GLU A 110 -15.03 -23.04 -11.12
CA GLU A 110 -15.58 -22.01 -11.99
C GLU A 110 -16.84 -21.40 -11.41
N SER A 111 -17.68 -22.21 -10.77
CA SER A 111 -18.90 -21.70 -10.17
C SER A 111 -18.58 -20.72 -9.03
N VAL A 112 -17.63 -21.08 -8.17
CA VAL A 112 -17.26 -20.20 -7.06
C VAL A 112 -16.65 -18.91 -7.59
N ARG A 113 -15.86 -19.00 -8.65
CA ARG A 113 -15.28 -17.80 -9.25
C ARG A 113 -16.37 -16.88 -9.75
N ALA A 114 -17.30 -17.40 -10.56
CA ALA A 114 -18.37 -16.57 -11.09
C ALA A 114 -19.14 -15.88 -9.97
N GLU A 115 -19.53 -16.63 -8.94
CA GLU A 115 -20.27 -16.04 -7.84
C GLU A 115 -19.45 -14.96 -7.14
N ALA A 116 -18.17 -15.22 -6.91
CA ALA A 116 -17.33 -14.21 -6.26
C ALA A 116 -17.25 -12.94 -7.10
N ALA A 117 -17.14 -13.09 -8.42
CA ALA A 117 -17.11 -11.92 -9.29
C ALA A 117 -18.44 -11.18 -9.26
N GLU A 118 -19.56 -11.92 -9.29
CA GLU A 118 -20.86 -11.27 -9.23
C GLU A 118 -21.03 -10.46 -7.95
N LYS A 119 -20.71 -11.06 -6.81
CA LYS A 119 -20.88 -10.38 -5.53
C LYS A 119 -19.75 -9.41 -5.22
N GLY A 120 -18.61 -9.53 -5.91
CA GLY A 120 -17.50 -8.62 -5.66
C GLY A 120 -16.86 -8.78 -4.30
N ASP A 121 -16.98 -9.95 -3.69
CA ASP A 121 -16.41 -10.18 -2.36
C ASP A 121 -16.37 -11.67 -2.03
N VAL A 122 -15.17 -12.23 -1.88
CA VAL A 122 -15.04 -13.65 -1.54
C VAL A 122 -15.64 -13.93 -0.17
N GLY A 123 -15.70 -12.93 0.70
CA GLY A 123 -16.24 -13.14 2.03
C GLY A 123 -17.72 -13.48 2.01
N LEU A 124 -18.47 -12.87 1.08
CA LEU A 124 -19.89 -13.16 0.98
C LEU A 124 -20.14 -14.53 0.35
N VAL A 125 -19.19 -15.04 -0.44
CA VAL A 125 -19.34 -16.38 -0.99
C VAL A 125 -19.07 -17.42 0.09
N ALA A 126 -18.01 -17.23 0.87
CA ALA A 126 -17.69 -18.16 1.94
C ALA A 126 -18.75 -18.16 3.05
N GLU A 127 -19.51 -17.08 3.18
CA GLU A 127 -20.54 -17.02 4.20
C GLU A 127 -21.84 -17.68 3.72
N ASN A 128 -22.21 -17.45 2.46
CA ASN A 128 -23.37 -18.11 1.88
C ASN A 128 -23.04 -19.49 1.32
N SER A 129 -21.86 -20.02 1.63
CA SER A 129 -21.41 -21.30 1.08
C SER A 129 -21.91 -22.45 1.95
N ARG A 130 -22.54 -23.43 1.32
CA ARG A 130 -22.90 -24.68 1.98
C ARG A 130 -21.65 -25.55 2.09
N SER A 131 -21.24 -25.86 3.31
CA SER A 131 -20.01 -26.61 3.55
C SER A 131 -20.25 -28.10 3.30
N THR A 132 -19.35 -28.72 2.53
CA THR A 132 -19.44 -30.14 2.23
C THR A 132 -18.74 -31.01 3.26
N GLN A 133 -17.86 -30.43 4.08
CA GLN A 133 -17.09 -31.20 5.05
C GLN A 133 -17.98 -31.75 6.16
N ARG A 134 -18.52 -32.96 5.95
CA ARG A 134 -19.38 -33.60 6.94
C ARG A 134 -18.54 -34.07 8.11
N LEU A 135 -18.21 -33.12 8.99
CA LEU A 135 -17.38 -33.41 10.15
C LEU A 135 -18.24 -34.06 11.24
N MET A 136 -17.67 -35.07 11.90
CA MET A 136 -18.36 -35.82 12.93
C MET A 136 -17.90 -35.45 14.34
N LEU A 137 -17.50 -34.20 14.54
CA LEU A 137 -17.13 -33.72 15.86
C LEU A 137 -17.18 -32.20 15.88
N PRO A 138 -18.07 -31.59 16.67
CA PRO A 138 -18.21 -30.12 16.64
C PRO A 138 -16.92 -29.45 17.06
N PRO A 139 -16.38 -28.55 16.23
CA PRO A 139 -15.10 -27.92 16.55
C PRO A 139 -15.27 -26.79 17.54
N PRO A 140 -14.25 -26.49 18.35
CA PRO A 140 -14.35 -25.39 19.30
C PRO A 140 -14.38 -24.05 18.60
N PRO A 141 -14.93 -23.01 19.23
CA PRO A 141 -14.95 -21.70 18.57
C PRO A 141 -13.55 -21.19 18.33
N LEU A 142 -13.38 -20.48 17.22
CA LEU A 142 -12.08 -19.92 16.87
C LEU A 142 -11.71 -18.81 17.83
N THR A 143 -10.42 -18.71 18.12
CA THR A 143 -9.88 -17.65 18.95
C THR A 143 -9.07 -16.70 18.09
N ALA A 144 -8.99 -15.43 18.52
CA ALA A 144 -8.23 -14.43 17.78
C ALA A 144 -6.80 -14.88 17.59
N SER A 145 -6.13 -15.30 18.67
CA SER A 145 -4.74 -15.73 18.55
C SER A 145 -4.64 -17.04 17.77
N GLY A 146 -5.59 -17.96 17.97
CA GLY A 146 -5.56 -19.20 17.24
C GLY A 146 -5.68 -19.00 15.74
N VAL A 147 -6.58 -18.12 15.32
CA VAL A 147 -6.69 -17.79 13.90
C VAL A 147 -5.42 -17.09 13.42
N PHE A 148 -4.87 -16.19 14.24
CA PHE A 148 -3.63 -15.54 13.86
C PHE A 148 -2.49 -16.54 13.74
N SER A 149 -2.44 -17.53 14.62
CA SER A 149 -1.42 -18.56 14.53
C SER A 149 -1.57 -19.37 13.26
N LYS A 150 -2.80 -19.68 12.86
CA LYS A 150 -3.01 -20.44 11.63
C LYS A 150 -2.61 -19.63 10.40
N PHE A 151 -2.83 -18.33 10.42
CA PHE A 151 -2.41 -17.50 9.30
C PHE A 151 -0.89 -17.54 9.15
N ARG A 152 -0.16 -17.45 10.25
CA ARG A 152 1.30 -17.57 10.18
C ARG A 152 1.72 -18.98 9.79
N ASP A 153 0.98 -20.00 10.26
CA ASP A 153 1.24 -21.36 9.81
C ASP A 153 1.15 -21.46 8.30
N ILE A 154 0.13 -20.83 7.71
CA ILE A 154 -0.01 -20.83 6.26
C ILE A 154 1.22 -20.20 5.61
N ALA A 155 1.68 -19.08 6.14
CA ALA A 155 2.82 -18.38 5.55
C ALA A 155 4.06 -19.28 5.52
N ARG A 156 4.29 -20.04 6.59
CA ARG A 156 5.52 -20.82 6.71
C ARG A 156 5.54 -22.05 5.82
N LEU A 157 4.42 -22.41 5.20
CA LEU A 157 4.37 -23.59 4.34
C LEU A 157 4.97 -23.26 2.99
N THR A 158 6.07 -23.93 2.65
CA THR A 158 6.79 -23.67 1.41
C THR A 158 7.17 -24.99 0.76
N GLY A 159 7.50 -24.92 -0.51
CA GLY A 159 7.95 -26.09 -1.25
C GLY A 159 6.87 -26.66 -2.14
N SER A 160 7.18 -27.80 -2.75
CA SER A 160 6.23 -28.48 -3.60
C SER A 160 5.08 -29.03 -2.77
N ALA A 161 3.88 -28.99 -3.35
CA ALA A 161 2.65 -29.45 -2.70
C ALA A 161 2.29 -28.61 -1.48
N SER A 162 2.94 -27.46 -1.28
CA SER A 162 2.59 -26.61 -0.15
C SER A 162 1.20 -26.01 -0.32
N THR A 163 0.76 -25.77 -1.56
CA THR A 163 -0.56 -25.21 -1.79
C THR A 163 -1.64 -26.05 -1.13
N ALA A 164 -1.63 -27.36 -1.37
CA ALA A 164 -2.61 -28.24 -0.75
C ALA A 164 -2.49 -28.23 0.77
N LYS A 165 -1.29 -28.00 1.30
CA LYS A 165 -1.15 -27.88 2.75
C LYS A 165 -1.75 -26.59 3.26
N LYS A 166 -1.63 -25.51 2.48
CA LYS A 166 -2.26 -24.25 2.86
C LYS A 166 -3.79 -24.38 2.84
N ILE A 167 -4.32 -25.04 1.81
CA ILE A 167 -5.76 -25.17 1.67
C ILE A 167 -6.35 -25.96 2.84
N ASP A 168 -5.64 -26.99 3.29
CA ASP A 168 -6.15 -27.77 4.41
C ASP A 168 -6.32 -26.91 5.66
N ILE A 169 -5.37 -26.02 5.93
CA ILE A 169 -5.50 -25.14 7.08
C ILE A 169 -6.68 -24.21 6.90
N ILE A 170 -6.83 -23.63 5.72
CA ILE A 170 -7.95 -22.73 5.44
C ILE A 170 -9.27 -23.47 5.61
N LYS A 171 -9.37 -24.66 5.02
CA LYS A 171 -10.58 -25.46 5.18
C LYS A 171 -10.87 -25.72 6.64
N GLY A 172 -9.85 -26.07 7.42
CA GLY A 172 -10.06 -26.30 8.84
C GLY A 172 -10.63 -25.08 9.54
N LEU A 173 -10.20 -23.89 9.13
CA LEU A 173 -10.74 -22.67 9.73
C LEU A 173 -12.22 -22.50 9.40
N PHE A 174 -12.59 -22.66 8.12
CA PHE A 174 -13.96 -22.45 7.72
C PHE A 174 -14.91 -23.45 8.37
N VAL A 175 -14.45 -24.68 8.60
CA VAL A 175 -15.31 -25.66 9.24
C VAL A 175 -15.64 -25.26 10.67
N ALA A 176 -14.77 -24.47 11.31
CA ALA A 176 -15.00 -24.00 12.66
C ALA A 176 -15.62 -22.61 12.71
N CYS A 177 -15.96 -22.03 11.56
CA CYS A 177 -16.49 -20.67 11.53
C CYS A 177 -17.94 -20.64 11.96
N ARG A 178 -18.32 -19.55 12.63
CA ARG A 178 -19.68 -19.33 13.08
C ARG A 178 -20.05 -17.88 12.76
N HIS A 179 -21.30 -17.68 12.36
CA HIS A 179 -21.85 -16.34 12.10
C HIS A 179 -21.01 -15.69 11.02
N SER A 180 -20.39 -14.53 11.26
CA SER A 180 -19.69 -13.78 10.23
C SER A 180 -18.20 -14.05 10.21
N GLU A 181 -17.72 -15.05 10.96
CA GLU A 181 -16.29 -15.33 10.99
C GLU A 181 -15.78 -15.70 9.60
N ALA A 182 -16.50 -16.57 8.89
CA ALA A 182 -16.05 -16.99 7.57
C ALA A 182 -15.89 -15.79 6.64
N ARG A 183 -16.76 -14.80 6.78
CA ARG A 183 -16.70 -13.64 5.92
C ARG A 183 -15.34 -12.94 6.03
N PHE A 184 -14.88 -12.72 7.26
CA PHE A 184 -13.67 -11.94 7.48
C PHE A 184 -12.39 -12.77 7.41
N ILE A 185 -12.46 -14.07 7.68
CA ILE A 185 -11.32 -14.94 7.43
C ILE A 185 -11.02 -15.00 5.93
N ALA A 186 -12.06 -15.16 5.12
CA ALA A 186 -11.87 -15.14 3.67
C ALA A 186 -11.34 -13.77 3.22
N ARG A 187 -11.93 -12.69 3.74
CA ARG A 187 -11.46 -11.36 3.39
C ARG A 187 -10.01 -11.16 3.82
N SER A 188 -9.63 -11.70 4.98
CA SER A 188 -8.25 -11.57 5.43
C SER A 188 -7.30 -12.30 4.50
N LEU A 189 -7.65 -13.53 4.11
CA LEU A 189 -6.80 -14.29 3.19
C LEU A 189 -6.76 -13.62 1.82
N SER A 190 -7.88 -13.04 1.38
CA SER A 190 -7.88 -12.28 0.13
C SER A 190 -7.05 -11.02 0.25
N GLY A 191 -6.96 -10.45 1.45
CA GLY A 191 -6.30 -9.17 1.64
C GLY A 191 -7.20 -7.97 1.46
N ARG A 192 -8.51 -8.12 1.71
CA ARG A 192 -9.51 -7.06 1.47
C ARG A 192 -10.54 -7.09 2.60
N LEU A 193 -10.16 -6.59 3.77
CA LEU A 193 -11.10 -6.56 4.88
C LEU A 193 -12.27 -5.60 4.61
N ARG A 194 -11.99 -4.48 3.94
CA ARG A 194 -13.04 -3.52 3.55
C ARG A 194 -13.62 -2.80 4.76
N LEU A 195 -12.80 -2.54 5.77
CA LEU A 195 -13.32 -1.94 7.00
C LEU A 195 -13.52 -0.44 6.87
N GLY A 196 -12.74 0.22 6.02
CA GLY A 196 -12.66 1.67 6.08
C GLY A 196 -11.79 2.18 7.19
N LEU A 197 -11.01 1.30 7.83
CA LEU A 197 -10.18 1.64 8.97
C LEU A 197 -8.86 0.90 8.81
N ALA A 198 -7.76 1.64 8.87
CA ALA A 198 -6.44 1.05 8.63
C ALA A 198 -5.42 1.56 9.66
N GLU A 199 -4.15 1.64 9.25
CA GLU A 199 -3.07 1.89 10.19
C GLU A 199 -3.33 3.11 11.07
N GLN A 200 -3.61 4.26 10.46
CA GLN A 200 -3.75 5.48 11.26
C GLN A 200 -4.88 5.36 12.27
N SER A 201 -6.00 4.74 11.88
CA SER A 201 -7.12 4.59 12.79
C SER A 201 -6.87 3.51 13.84
N VAL A 202 -6.08 2.49 13.51
CA VAL A 202 -5.76 1.46 14.50
C VAL A 202 -4.87 2.05 15.58
N LEU A 203 -3.93 2.92 15.19
CA LEU A 203 -3.09 3.59 16.18
C LEU A 203 -3.93 4.50 17.07
N ALA A 204 -4.82 5.29 16.46
CA ALA A 204 -5.68 6.16 17.24
C ALA A 204 -6.51 5.37 18.25
N ALA A 205 -7.03 4.22 17.82
CA ALA A 205 -7.81 3.39 18.74
C ALA A 205 -6.93 2.80 19.82
N LEU A 206 -5.72 2.39 19.46
CA LEU A 206 -4.80 1.82 20.44
C LEU A 206 -4.41 2.86 21.49
N SER A 207 -3.98 4.04 21.05
CA SER A 207 -3.60 5.08 22.00
C SER A 207 -4.76 5.46 22.90
N GLN A 208 -5.96 5.56 22.32
CA GLN A 208 -7.14 5.87 23.12
C GLN A 208 -7.41 4.77 24.14
N ALA A 209 -7.23 3.51 23.73
CA ALA A 209 -7.54 2.39 24.62
C ALA A 209 -6.63 2.38 25.84
N VAL A 210 -5.30 2.39 25.62
CA VAL A 210 -4.37 2.33 26.73
C VAL A 210 -4.39 3.61 27.55
N SER A 211 -4.88 4.72 26.98
CA SER A 211 -5.03 5.94 27.76
C SER A 211 -6.26 5.86 28.66
N LEU A 212 -7.39 5.39 28.13
CA LEU A 212 -8.60 5.30 28.93
C LEU A 212 -8.53 4.15 29.94
N THR A 213 -7.92 3.02 29.55
CA THR A 213 -7.82 1.82 30.37
C THR A 213 -6.35 1.44 30.48
N PRO A 214 -5.60 2.05 31.40
CA PRO A 214 -4.16 1.81 31.47
C PRO A 214 -3.86 0.34 31.71
N PRO A 215 -2.92 -0.25 30.97
CA PRO A 215 -2.54 -1.64 31.24
C PRO A 215 -1.71 -1.74 32.51
N GLY A 216 -1.51 -2.99 32.95
CA GLY A 216 -0.67 -3.26 34.09
C GLY A 216 -1.36 -3.13 35.44
N GLN A 217 -2.67 -2.92 35.46
CA GLN A 217 -3.37 -2.79 36.72
C GLN A 217 -3.67 -4.17 37.31
N GLU A 218 -3.96 -4.18 38.60
CA GLU A 218 -4.40 -5.38 39.28
C GLU A 218 -5.87 -5.62 38.95
N PHE A 219 -6.21 -6.84 38.56
CA PHE A 219 -7.58 -7.10 38.16
C PHE A 219 -8.47 -7.30 39.39
N PRO A 220 -9.69 -6.72 39.41
CA PRO A 220 -10.29 -5.84 38.40
C PRO A 220 -9.60 -4.49 38.34
N PRO A 221 -9.43 -3.89 37.16
CA PRO A 221 -8.72 -2.60 37.07
C PRO A 221 -9.51 -1.50 37.75
N ALA A 222 -8.89 -0.84 38.73
CA ALA A 222 -9.55 0.28 39.39
C ALA A 222 -9.81 1.42 38.42
N MET A 223 -8.93 1.61 37.43
CA MET A 223 -9.04 2.69 36.45
C MET A 223 -9.42 2.09 35.10
N VAL A 224 -10.71 2.20 34.75
CA VAL A 224 -11.20 1.70 33.48
C VAL A 224 -11.54 2.82 32.50
N ASP A 225 -11.79 4.03 32.98
CA ASP A 225 -12.07 5.18 32.10
C ASP A 225 -11.38 6.40 32.73
N ALA A 226 -10.13 6.62 32.35
CA ALA A 226 -9.34 7.71 32.89
C ALA A 226 -9.79 9.08 32.40
N GLY A 227 -10.80 9.15 31.53
CA GLY A 227 -11.34 10.42 31.09
C GLY A 227 -12.49 10.93 31.91
N LYS A 228 -13.02 10.11 32.82
CA LYS A 228 -14.23 10.49 33.55
C LYS A 228 -14.02 11.77 34.34
N GLY A 229 -12.82 11.97 34.89
CA GLY A 229 -12.53 13.14 35.69
C GLY A 229 -12.18 14.39 34.90
N LYS A 230 -12.16 14.31 33.58
CA LYS A 230 -11.80 15.42 32.72
C LYS A 230 -13.03 16.00 32.03
N THR A 231 -12.98 17.28 31.72
CA THR A 231 -13.97 17.87 30.85
C THR A 231 -13.79 17.36 29.43
N ALA A 232 -14.84 17.51 28.62
CA ALA A 232 -14.76 17.09 27.22
C ALA A 232 -13.58 17.75 26.52
N GLU A 233 -13.39 19.05 26.72
CA GLU A 233 -12.29 19.75 26.08
C GLU A 233 -10.95 19.20 26.53
N ALA A 234 -10.77 19.05 27.84
CA ALA A 234 -9.50 18.51 28.35
C ALA A 234 -9.32 17.06 27.91
N ARG A 235 -10.41 16.29 27.85
CA ARG A 235 -10.32 14.91 27.39
C ARG A 235 -9.82 14.85 25.95
N LYS A 236 -10.42 15.65 25.08
CA LYS A 236 -10.00 15.69 23.67
C LYS A 236 -8.52 16.04 23.57
N THR A 237 -8.10 17.12 24.24
CA THR A 237 -6.70 17.53 24.19
C THR A 237 -5.80 16.43 24.72
N TRP A 238 -6.17 15.84 25.85
CA TRP A 238 -5.36 14.77 26.43
C TRP A 238 -5.22 13.59 25.48
N LEU A 239 -6.31 13.20 24.82
CA LEU A 239 -6.24 12.04 23.93
C LEU A 239 -5.44 12.35 22.68
N GLU A 240 -5.56 13.57 22.16
CA GLU A 240 -4.75 13.95 21.00
C GLU A 240 -3.26 13.90 21.32
N GLU A 241 -2.87 14.37 22.51
CA GLU A 241 -1.46 14.32 22.88
C GLU A 241 -0.97 12.88 22.93
N GLN A 242 -1.69 12.02 23.66
CA GLN A 242 -1.31 10.61 23.73
C GLN A 242 -1.27 9.98 22.35
N GLY A 243 -2.22 10.35 21.49
CA GLY A 243 -2.20 9.82 20.14
C GLY A 243 -0.95 10.18 19.38
N MET A 244 -0.47 11.42 19.56
CA MET A 244 0.75 11.84 18.87
C MET A 244 1.96 11.11 19.41
N ILE A 245 2.02 10.88 20.71
CA ILE A 245 3.12 10.10 21.28
C ILE A 245 3.22 8.75 20.59
N LEU A 246 2.07 8.08 20.40
CA LEU A 246 2.09 6.77 19.77
C LEU A 246 2.41 6.87 18.29
N LYS A 247 1.77 7.81 17.60
CA LYS A 247 1.99 7.96 16.16
C LYS A 247 3.46 8.23 15.86
N GLN A 248 4.05 9.24 16.52
CA GLN A 248 5.42 9.59 16.18
C GLN A 248 6.39 8.48 16.56
N THR A 249 6.12 7.78 17.66
CA THR A 249 6.93 6.61 18.01
C THR A 249 6.84 5.55 16.93
N PHE A 250 5.61 5.21 16.51
CA PHE A 250 5.43 4.20 15.50
C PHE A 250 6.07 4.59 14.18
N CYS A 251 5.98 5.87 13.81
CA CYS A 251 6.60 6.33 12.57
C CYS A 251 8.10 6.07 12.55
N GLU A 252 8.74 6.11 13.73
CA GLU A 252 10.16 5.81 13.82
C GLU A 252 10.43 4.35 14.09
N VAL A 253 9.47 3.63 14.66
CA VAL A 253 9.62 2.21 14.94
C VAL A 253 8.32 1.52 14.56
N PRO A 254 8.04 1.36 13.28
CA PRO A 254 6.78 0.73 12.88
C PRO A 254 6.82 -0.78 13.07
N ASP A 255 6.86 -1.20 14.34
CA ASP A 255 7.02 -2.61 14.69
C ASP A 255 6.23 -2.84 15.97
N LEU A 256 5.02 -3.38 15.84
CA LEU A 256 4.19 -3.61 17.02
C LEU A 256 4.79 -4.67 17.94
N ASP A 257 5.58 -5.60 17.39
CA ASP A 257 6.25 -6.57 18.24
C ASP A 257 7.19 -5.90 19.23
N ARG A 258 7.68 -4.70 18.92
CA ARG A 258 8.53 -3.94 19.84
C ARG A 258 7.76 -2.94 20.68
N ILE A 259 6.67 -2.38 20.15
CA ILE A 259 5.95 -1.33 20.86
C ILE A 259 5.02 -1.91 21.91
N ILE A 260 4.26 -2.95 21.55
CA ILE A 260 3.22 -3.46 22.45
C ILE A 260 3.80 -3.97 23.76
N PRO A 261 4.88 -4.77 23.77
CA PRO A 261 5.44 -5.18 25.07
C PRO A 261 5.79 -4.00 25.96
N VAL A 262 6.50 -3.02 25.42
CA VAL A 262 6.79 -1.80 26.17
C VAL A 262 5.49 -1.15 26.62
N LEU A 263 4.51 -1.08 25.73
CA LEU A 263 3.26 -0.40 26.05
C LEU A 263 2.56 -1.07 27.22
N LEU A 264 2.57 -2.40 27.28
CA LEU A 264 1.89 -3.14 28.33
C LEU A 264 2.66 -3.15 29.64
N GLU A 265 3.96 -2.86 29.62
CA GLU A 265 4.79 -2.94 30.82
C GLU A 265 5.12 -1.58 31.41
N HIS A 266 5.07 -0.50 30.62
CA HIS A 266 5.45 0.82 31.09
C HIS A 266 4.42 1.91 30.80
N GLY A 267 3.43 1.66 29.94
CA GLY A 267 2.43 2.64 29.63
C GLY A 267 2.81 3.53 28.45
N LEU A 268 1.79 4.16 27.87
CA LEU A 268 2.01 4.98 26.68
C LEU A 268 2.82 6.21 26.99
N GLU A 269 2.62 6.82 28.17
CA GLU A 269 3.28 8.07 28.48
C GLU A 269 4.80 7.92 28.49
N ARG A 270 5.30 6.74 28.91
CA ARG A 270 6.74 6.48 28.95
C ARG A 270 7.23 5.73 27.73
N LEU A 271 6.41 5.62 26.68
CA LEU A 271 6.82 4.85 25.50
C LEU A 271 8.07 5.40 24.83
N PRO A 272 8.22 6.71 24.63
CA PRO A 272 9.41 7.21 23.92
C PRO A 272 10.72 6.87 24.62
N GLU A 273 10.69 6.59 25.93
CA GLU A 273 11.93 6.30 26.64
C GLU A 273 12.50 4.94 26.25
N HIS A 274 11.66 4.01 25.82
CA HIS A 274 12.07 2.64 25.53
C HIS A 274 12.01 2.28 24.05
N CYS A 275 11.56 3.19 23.18
CA CYS A 275 11.44 2.90 21.76
CA CYS A 275 11.44 2.90 21.76
C CYS A 275 11.77 4.18 20.99
N LYS A 276 12.82 4.12 20.19
CA LYS A 276 13.23 5.31 19.43
C LYS A 276 13.96 4.88 18.16
N LEU A 277 14.03 5.83 17.22
CA LEU A 277 14.69 5.60 15.95
C LEU A 277 16.08 4.99 16.16
N SER A 278 16.40 3.97 15.36
CA SER A 278 17.68 3.29 15.47
CA SER A 278 17.67 3.29 15.48
C SER A 278 18.03 2.66 14.14
N PRO A 279 19.30 2.71 13.73
CA PRO A 279 19.68 2.03 12.48
C PRO A 279 19.43 0.54 12.58
N GLY A 280 18.93 -0.03 11.49
CA GLY A 280 18.53 -1.42 11.44
C GLY A 280 17.04 -1.64 11.61
N ILE A 281 16.32 -0.63 12.09
CA ILE A 281 14.87 -0.65 12.21
C ILE A 281 14.32 0.36 11.21
N PRO A 282 13.62 -0.06 10.15
CA PRO A 282 13.14 0.91 9.17
C PRO A 282 12.11 1.83 9.79
N LEU A 283 11.98 3.01 9.21
CA LEU A 283 11.00 3.99 9.65
C LEU A 283 10.12 4.37 8.46
N LYS A 284 8.96 4.94 8.77
CA LYS A 284 8.05 5.38 7.73
C LYS A 284 8.71 6.50 6.93
N PRO A 285 8.66 6.47 5.59
CA PRO A 285 9.27 7.54 4.80
C PRO A 285 8.33 8.70 4.56
N MET A 286 8.93 9.87 4.34
CA MET A 286 8.17 11.03 3.95
C MET A 286 7.64 10.86 2.53
N LEU A 287 6.36 11.19 2.33
CA LEU A 287 5.70 11.05 1.05
C LEU A 287 5.42 12.42 0.45
N ALA A 288 4.88 12.43 -0.76
CA ALA A 288 4.66 13.64 -1.53
C ALA A 288 3.19 13.78 -1.92
N HIS A 289 2.74 15.03 -2.00
CA HIS A 289 1.38 15.36 -2.43
C HIS A 289 1.41 15.77 -3.89
N PRO A 290 0.49 15.28 -4.72
CA PRO A 290 0.50 15.68 -6.13
C PRO A 290 0.13 17.15 -6.30
N THR A 291 0.85 17.82 -7.19
CA THR A 291 0.58 19.20 -7.56
C THR A 291 0.44 19.28 -9.08
N ARG A 292 -0.49 20.10 -9.54
CA ARG A 292 -0.87 20.14 -10.94
C ARG A 292 -0.23 21.29 -11.72
N GLY A 293 0.63 22.07 -11.09
CA GLY A 293 1.30 23.16 -11.79
C GLY A 293 2.22 23.92 -10.87
N ILE A 294 3.11 24.71 -11.49
CA ILE A 294 4.04 25.51 -10.71
C ILE A 294 3.29 26.53 -9.87
N SER A 295 2.19 27.08 -10.40
CA SER A 295 1.42 28.06 -9.64
C SER A 295 0.92 27.46 -8.34
N GLU A 296 0.39 26.24 -8.38
CA GLU A 296 -0.07 25.58 -7.16
C GLU A 296 1.05 25.43 -6.14
N VAL A 297 2.29 25.26 -6.60
CA VAL A 297 3.41 25.07 -5.68
C VAL A 297 3.63 26.32 -4.85
N LEU A 298 3.67 27.48 -5.51
CA LEU A 298 3.82 28.73 -4.78
C LEU A 298 2.68 28.93 -3.79
N LYS A 299 1.46 28.59 -4.19
CA LYS A 299 0.33 28.72 -3.27
C LYS A 299 0.54 27.86 -2.02
N ARG A 300 0.86 26.59 -2.20
CA ARG A 300 1.07 25.71 -1.06
C ARG A 300 2.31 26.12 -0.26
N PHE A 301 3.31 26.71 -0.92
CA PHE A 301 4.53 27.16 -0.28
C PHE A 301 4.63 28.68 -0.30
N GLU A 302 3.52 29.36 -0.05
CA GLU A 302 3.54 30.80 0.12
C GLU A 302 4.49 31.17 1.26
N GLU A 303 5.31 32.19 1.02
CA GLU A 303 6.21 32.73 2.03
C GLU A 303 7.40 31.81 2.26
N ALA A 304 7.15 30.53 2.56
CA ALA A 304 8.22 29.61 2.90
C ALA A 304 9.16 29.41 1.71
N ALA A 305 10.46 29.54 1.96
CA ALA A 305 11.45 29.21 0.95
C ALA A 305 11.51 27.71 0.76
N PHE A 306 11.80 27.29 -0.48
CA PHE A 306 11.79 25.88 -0.81
C PHE A 306 12.88 25.58 -1.82
N THR A 307 13.11 24.28 -2.02
CA THR A 307 14.05 23.79 -3.01
C THR A 307 13.33 22.82 -3.94
N CYS A 308 13.82 22.73 -5.17
CA CYS A 308 13.33 21.78 -6.15
C CYS A 308 14.42 20.75 -6.42
N GLU A 309 14.02 19.49 -6.56
CA GLU A 309 14.95 18.40 -6.81
C GLU A 309 14.38 17.48 -7.88
N TYR A 310 15.26 16.99 -8.75
CA TYR A 310 14.86 15.99 -9.73
C TYR A 310 14.13 14.85 -9.04
N LYS A 311 13.02 14.42 -9.63
CA LYS A 311 12.31 13.21 -9.20
C LYS A 311 12.78 12.07 -10.10
N TYR A 312 13.71 11.27 -9.59
CA TYR A 312 14.30 10.19 -10.37
C TYR A 312 13.34 9.00 -10.44
N ASP A 313 13.41 8.28 -11.56
CA ASP A 313 12.52 7.15 -11.83
C ASP A 313 13.25 5.87 -11.43
N GLY A 314 13.18 5.54 -10.15
CA GLY A 314 13.81 4.33 -9.62
C GLY A 314 12.98 3.75 -8.51
N GLN A 315 13.66 3.27 -7.47
CA GLN A 315 13.03 2.69 -6.29
C GLN A 315 13.61 3.33 -5.05
N ARG A 316 12.75 3.62 -4.07
CA ARG A 316 13.23 4.18 -2.82
C ARG A 316 14.11 3.17 -2.09
N ALA A 317 15.24 3.64 -1.58
CA ALA A 317 16.18 2.80 -0.85
C ALA A 317 16.54 3.53 0.43
N GLN A 318 16.01 3.07 1.55
CA GLN A 318 16.36 3.58 2.88
C GLN A 318 17.57 2.77 3.37
N ILE A 319 18.73 3.40 3.39
CA ILE A 319 20.00 2.74 3.66
C ILE A 319 20.37 2.98 5.12
N HIS A 320 20.53 1.89 5.86
CA HIS A 320 20.89 1.95 7.28
C HIS A 320 22.30 1.43 7.47
N ALA A 321 23.12 2.19 8.18
CA ALA A 321 24.48 1.81 8.53
C ALA A 321 24.58 1.79 10.05
N LEU A 322 24.69 0.59 10.62
CA LEU A 322 24.69 0.42 12.06
C LEU A 322 26.10 0.61 12.62
N GLU A 323 26.15 0.96 13.89
CA GLU A 323 27.43 1.10 14.60
C GLU A 323 28.03 -0.29 14.75
N GLY A 324 29.05 -0.58 13.94
CA GLY A 324 29.66 -1.90 13.93
C GLY A 324 30.00 -2.38 12.55
N GLY A 325 29.38 -1.79 11.53
CA GLY A 325 29.62 -2.12 10.14
C GLY A 325 28.45 -2.75 9.43
N GLU A 326 27.49 -3.30 10.16
CA GLU A 326 26.34 -3.93 9.52
C GLU A 326 25.57 -2.90 8.72
N VAL A 327 25.24 -3.25 7.48
CA VAL A 327 24.48 -2.38 6.58
C VAL A 327 23.17 -3.08 6.23
N LYS A 328 22.09 -2.32 6.22
CA LYS A 328 20.79 -2.84 5.80
C LYS A 328 20.10 -1.81 4.93
N ILE A 329 19.29 -2.30 3.99
CA ILE A 329 18.60 -1.46 3.02
C ILE A 329 17.13 -1.84 3.04
N PHE A 330 16.26 -0.84 3.17
CA PHE A 330 14.83 -1.06 3.22
C PHE A 330 14.13 -0.28 2.10
N SER A 331 12.93 -0.72 1.77
CA SER A 331 12.14 -0.13 0.71
C SER A 331 11.16 0.90 1.28
N ARG A 332 10.37 1.50 0.39
CA ARG A 332 9.33 2.43 0.78
C ARG A 332 8.39 1.82 1.81
N ASN A 333 8.14 0.50 1.72
CA ASN A 333 7.18 -0.19 2.56
C ASN A 333 7.83 -0.92 3.72
N GLN A 334 9.05 -0.52 4.11
CA GLN A 334 9.81 -1.12 5.21
C GLN A 334 10.24 -2.54 4.91
N GLU A 335 10.11 -3.01 3.67
CA GLU A 335 10.59 -4.33 3.30
C GLU A 335 12.11 -4.34 3.26
N ASP A 336 12.70 -5.48 3.65
CA ASP A 336 14.15 -5.63 3.67
C ASP A 336 14.63 -6.06 2.28
N ASN A 337 15.36 -5.17 1.61
CA ASN A 337 15.97 -5.48 0.32
C ASN A 337 17.49 -5.57 0.40
N THR A 338 18.04 -5.83 1.58
CA THR A 338 19.49 -5.92 1.73
C THR A 338 20.08 -6.92 0.74
N GLY A 339 19.49 -8.12 0.65
CA GLY A 339 19.99 -9.15 -0.24
C GLY A 339 19.90 -8.79 -1.71
N LYS A 340 19.11 -7.76 -2.06
CA LYS A 340 18.95 -7.35 -3.44
C LYS A 340 20.11 -6.49 -3.95
N TYR A 341 20.85 -5.83 -3.05
CA TYR A 341 21.82 -4.80 -3.42
C TYR A 341 23.17 -5.07 -2.79
N PRO A 342 23.79 -6.21 -3.10
CA PRO A 342 25.16 -6.45 -2.61
C PRO A 342 26.16 -5.45 -3.15
N ASP A 343 25.86 -4.83 -4.31
CA ASP A 343 26.76 -3.83 -4.86
C ASP A 343 26.67 -2.52 -4.07
N ILE A 344 25.53 -2.24 -3.44
CA ILE A 344 25.42 -1.05 -2.63
C ILE A 344 26.08 -1.25 -1.27
N ILE A 345 25.96 -2.45 -0.71
CA ILE A 345 26.60 -2.74 0.57
C ILE A 345 28.09 -2.49 0.48
N SER A 346 28.74 -3.05 -0.54
CA SER A 346 30.18 -2.89 -0.71
C SER A 346 30.57 -1.47 -1.09
N ARG A 347 29.59 -0.59 -1.32
CA ARG A 347 29.85 0.77 -1.73
C ARG A 347 29.83 1.76 -0.57
N ILE A 348 29.26 1.39 0.58
CA ILE A 348 29.07 2.34 1.67
C ILE A 348 30.38 2.96 2.11
N PRO A 349 31.49 2.21 2.25
CA PRO A 349 32.74 2.86 2.69
C PRO A 349 33.17 4.01 1.82
N LYS A 350 32.72 4.07 0.57
CA LYS A 350 33.14 5.10 -0.37
C LYS A 350 32.34 6.38 -0.26
N ILE A 351 31.20 6.38 0.44
CA ILE A 351 30.29 7.51 0.43
C ILE A 351 30.31 8.32 1.72
N LYS A 352 31.14 7.94 2.69
CA LYS A 352 31.11 8.57 4.00
C LYS A 352 32.52 8.91 4.47
N LEU A 353 32.62 10.00 5.23
CA LEU A 353 33.89 10.40 5.81
C LEU A 353 34.24 9.46 6.96
N PRO A 354 35.52 9.44 7.36
CA PRO A 354 35.93 8.56 8.48
C PRO A 354 35.20 8.85 9.78
N SER A 355 34.61 10.03 9.94
CA SER A 355 33.91 10.37 11.17
C SER A 355 32.49 9.82 11.25
N VAL A 356 31.96 9.33 10.14
CA VAL A 356 30.59 8.81 10.11
C VAL A 356 30.60 7.39 10.66
N THR A 357 29.96 7.20 11.81
CA THR A 357 29.89 5.89 12.46
C THR A 357 28.56 5.18 12.28
N SER A 358 27.51 5.91 11.92
CA SER A 358 26.21 5.32 11.67
C SER A 358 25.35 6.38 11.01
N PHE A 359 24.36 5.94 10.26
CA PHE A 359 23.50 6.88 9.57
C PHE A 359 22.29 6.14 9.02
N ILE A 360 21.29 6.93 8.62
CA ILE A 360 20.15 6.45 7.85
C ILE A 360 19.98 7.42 6.69
N LEU A 361 20.17 6.92 5.47
CA LEU A 361 20.10 7.72 4.27
C LEU A 361 18.79 7.45 3.53
N ASP A 362 18.23 8.49 2.96
CA ASP A 362 17.06 8.41 2.09
C ASP A 362 17.54 8.64 0.67
N THR A 363 17.47 7.61 -0.17
CA THR A 363 18.02 7.69 -1.52
C THR A 363 17.05 7.09 -2.52
N GLU A 364 17.36 7.29 -3.79
CA GLU A 364 16.67 6.65 -4.90
C GLU A 364 17.67 5.77 -5.63
N ALA A 365 17.40 4.47 -5.69
CA ALA A 365 18.19 3.58 -6.52
C ALA A 365 17.70 3.68 -7.95
N VAL A 366 18.61 4.00 -8.87
CA VAL A 366 18.26 4.20 -10.27
C VAL A 366 19.19 3.34 -11.13
N ALA A 367 18.61 2.59 -12.06
CA ALA A 367 19.41 1.79 -12.98
C ALA A 367 20.36 2.68 -13.76
N TRP A 368 21.63 2.26 -13.82
CA TRP A 368 22.70 3.09 -14.36
C TRP A 368 23.52 2.27 -15.36
N ASP A 369 23.73 2.83 -16.54
CA ASP A 369 24.55 2.22 -17.58
C ASP A 369 25.95 2.81 -17.49
N ARG A 370 26.89 2.02 -16.95
CA ARG A 370 28.25 2.53 -16.76
C ARG A 370 28.96 2.77 -18.09
N GLU A 371 28.60 2.03 -19.14
CA GLU A 371 29.21 2.25 -20.44
C GLU A 371 28.89 3.65 -20.98
N LYS A 372 27.60 4.00 -21.04
CA LYS A 372 27.19 5.30 -21.53
C LYS A 372 27.10 6.36 -20.44
N LYS A 373 27.15 5.96 -19.17
CA LYS A 373 27.03 6.89 -18.05
C LYS A 373 25.72 7.67 -18.14
N GLN A 374 24.62 6.92 -18.08
CA GLN A 374 23.29 7.49 -18.23
C GLN A 374 22.30 6.69 -17.41
N ILE A 375 21.27 7.38 -16.94
CA ILE A 375 20.18 6.70 -16.25
C ILE A 375 19.41 5.84 -17.24
N GLN A 376 19.05 4.63 -16.80
CA GLN A 376 18.23 3.71 -17.57
C GLN A 376 16.80 3.71 -17.05
N PRO A 377 15.83 3.28 -17.86
CA PRO A 377 14.43 3.33 -17.43
C PRO A 377 14.17 2.48 -16.20
N PHE A 378 13.13 2.85 -15.47
CA PHE A 378 12.69 2.06 -14.32
C PHE A 378 12.45 0.60 -14.70
N GLN A 379 11.98 0.34 -15.92
CA GLN A 379 11.72 -1.03 -16.34
C GLN A 379 12.99 -1.88 -16.26
N VAL A 380 14.13 -1.31 -16.63
CA VAL A 380 15.38 -2.07 -16.54
C VAL A 380 15.71 -2.38 -15.08
N LEU A 381 15.36 -1.46 -14.17
CA LEU A 381 15.67 -1.69 -12.76
C LEU A 381 14.90 -2.89 -12.22
N THR A 382 13.67 -3.08 -12.67
CA THR A 382 12.86 -4.17 -12.15
C THR A 382 13.33 -5.54 -12.61
N THR A 383 14.30 -5.62 -13.53
CA THR A 383 14.81 -6.91 -13.99
C THR A 383 15.95 -7.43 -13.13
N ARG A 384 16.31 -6.73 -12.06
CA ARG A 384 17.33 -7.23 -11.16
C ARG A 384 16.78 -8.40 -10.33
N LYS A 385 17.66 -9.32 -9.99
CA LYS A 385 17.28 -10.42 -9.10
C LYS A 385 16.99 -9.88 -7.71
N ARG A 386 16.00 -10.47 -7.04
CA ARG A 386 15.64 -10.01 -5.71
C ARG A 386 16.60 -10.49 -4.64
N LYS A 387 17.39 -11.53 -4.91
CA LYS A 387 18.41 -12.02 -3.97
C LYS A 387 19.67 -12.33 -4.79
N GLU A 388 20.52 -11.32 -4.94
CA GLU A 388 21.78 -11.48 -5.67
C GLU A 388 22.87 -11.82 -4.66
N VAL A 389 23.37 -13.06 -4.72
CA VAL A 389 24.41 -13.49 -3.81
C VAL A 389 25.74 -12.83 -4.15
N ASP A 390 26.15 -12.93 -5.41
CA ASP A 390 27.42 -12.38 -5.87
C ASP A 390 27.14 -11.09 -6.64
N ALA A 391 27.79 -10.00 -6.21
CA ALA A 391 27.73 -8.76 -6.97
C ALA A 391 28.36 -8.91 -8.35
N SER A 392 29.18 -9.95 -8.55
CA SER A 392 29.80 -10.19 -9.84
C SER A 392 28.82 -10.67 -10.89
N GLU A 393 27.65 -11.15 -10.48
CA GLU A 393 26.63 -11.62 -11.41
C GLU A 393 25.60 -10.55 -11.76
N ILE A 394 25.65 -9.38 -11.11
CA ILE A 394 24.68 -8.34 -11.39
C ILE A 394 24.88 -7.81 -12.79
N GLN A 395 23.80 -7.64 -13.54
CA GLN A 395 23.85 -7.12 -14.89
C GLN A 395 23.31 -5.70 -15.02
N VAL A 396 22.47 -5.25 -14.09
CA VAL A 396 21.90 -3.91 -14.10
C VAL A 396 22.50 -3.17 -12.92
N GLN A 397 23.49 -2.32 -13.18
CA GLN A 397 24.07 -1.51 -12.13
C GLN A 397 23.08 -0.43 -11.71
N VAL A 398 23.26 0.08 -10.49
CA VAL A 398 22.41 1.13 -9.95
C VAL A 398 23.30 2.25 -9.42
N CYS A 399 22.83 3.48 -9.59
CA CYS A 399 23.42 4.65 -8.97
C CYS A 399 22.48 5.17 -7.90
N LEU A 400 23.02 5.46 -6.73
CA LEU A 400 22.24 5.99 -5.61
C LEU A 400 22.19 7.51 -5.71
N TYR A 401 20.97 8.06 -5.67
CA TYR A 401 20.75 9.50 -5.64
C TYR A 401 20.21 9.85 -4.26
N ALA A 402 21.07 10.39 -3.40
CA ALA A 402 20.69 10.71 -2.04
C ALA A 402 20.01 12.08 -2.00
N PHE A 403 18.92 12.16 -1.24
CA PHE A 403 18.19 13.41 -1.09
C PHE A 403 17.82 13.75 0.34
N ASP A 404 18.20 12.94 1.32
CA ASP A 404 17.90 13.26 2.72
C ASP A 404 18.75 12.39 3.64
N LEU A 405 18.96 12.90 4.85
CA LEU A 405 19.70 12.21 5.91
C LEU A 405 18.86 12.30 7.19
N ILE A 406 18.48 11.14 7.73
CA ILE A 406 17.54 11.07 8.83
C ILE A 406 18.20 10.76 10.16
N TYR A 407 19.44 10.30 10.16
CA TYR A 407 20.12 9.82 11.35
C TYR A 407 21.61 9.88 11.08
N LEU A 408 22.39 10.35 12.06
CA LEU A 408 23.82 10.53 11.87
C LEU A 408 24.53 10.36 13.20
N ASN A 409 25.47 9.43 13.24
CA ASN A 409 26.40 9.28 14.36
C ASN A 409 25.67 9.16 15.69
N GLY A 410 24.60 8.37 15.70
CA GLY A 410 23.85 8.12 16.91
C GLY A 410 22.78 9.14 17.24
N GLU A 411 22.55 10.14 16.39
CA GLU A 411 21.62 11.22 16.67
C GLU A 411 20.55 11.26 15.59
N SER A 412 19.30 11.32 16.02
CA SER A 412 18.18 11.47 15.10
C SER A 412 18.07 12.89 14.61
N LEU A 413 17.83 13.05 13.31
CA LEU A 413 17.66 14.35 12.68
C LEU A 413 16.21 14.62 12.30
N VAL A 414 15.27 13.88 12.89
CA VAL A 414 13.87 13.96 12.49
C VAL A 414 13.29 15.33 12.78
N ARG A 415 13.76 16.00 13.83
CA ARG A 415 13.27 17.32 14.21
C ARG A 415 14.09 18.46 13.62
N GLU A 416 15.14 18.16 12.86
CA GLU A 416 15.89 19.20 12.18
C GLU A 416 15.18 19.61 10.89
N PRO A 417 15.28 20.88 10.49
CA PRO A 417 14.73 21.28 9.20
C PRO A 417 15.57 20.75 8.05
N LEU A 418 14.92 20.61 6.89
CA LEU A 418 15.61 20.05 5.72
C LEU A 418 16.91 20.78 5.44
N SER A 419 16.91 22.11 5.56
CA SER A 419 18.12 22.88 5.29
C SER A 419 19.30 22.34 6.08
N ARG A 420 19.06 21.94 7.33
CA ARG A 420 20.14 21.39 8.15
C ARG A 420 20.45 19.95 7.78
N ARG A 421 19.40 19.12 7.61
CA ARG A 421 19.63 17.74 7.18
C ARG A 421 20.37 17.70 5.86
N ARG A 422 19.92 18.51 4.89
CA ARG A 422 20.62 18.59 3.61
C ARG A 422 22.07 19.01 3.81
N GLN A 423 22.30 19.98 4.69
CA GLN A 423 23.65 20.44 4.96
C GLN A 423 24.50 19.33 5.57
N LEU A 424 23.95 18.58 6.51
CA LEU A 424 24.69 17.47 7.11
C LEU A 424 24.97 16.38 6.08
N LEU A 425 24.07 16.19 5.13
CA LEU A 425 24.32 15.22 4.06
C LEU A 425 25.53 15.62 3.23
N ARG A 426 25.62 16.89 2.84
CA ARG A 426 26.70 17.33 1.97
C ARG A 426 28.03 17.37 2.70
N GLU A 427 28.02 17.73 3.99
CA GLU A 427 29.26 17.89 4.73
C GLU A 427 29.88 16.55 5.14
N ASN A 428 29.08 15.49 5.25
CA ASN A 428 29.54 14.23 5.81
C ASN A 428 29.61 13.09 4.81
N PHE A 429 29.10 13.26 3.60
CA PHE A 429 29.09 12.21 2.60
C PHE A 429 29.78 12.69 1.33
N VAL A 430 30.32 11.72 0.58
CA VAL A 430 31.17 11.99 -0.57
C VAL A 430 30.53 11.42 -1.82
N GLU A 431 30.54 12.21 -2.89
CA GLU A 431 29.94 11.81 -4.15
C GLU A 431 30.91 11.01 -5.01
N THR A 432 30.36 10.07 -5.77
CA THR A 432 31.10 9.33 -6.78
C THR A 432 30.22 9.21 -8.01
N GLU A 433 30.72 9.67 -9.15
CA GLU A 433 29.93 9.68 -10.37
C GLU A 433 29.42 8.29 -10.69
N GLY A 434 28.11 8.19 -10.93
CA GLY A 434 27.50 6.94 -11.33
C GLY A 434 27.36 5.90 -10.24
N GLU A 435 27.64 6.26 -8.98
CA GLU A 435 27.54 5.30 -7.89
C GLU A 435 26.79 5.89 -6.69
N PHE A 436 27.19 7.08 -6.25
CA PHE A 436 26.49 7.77 -5.15
C PHE A 436 26.58 9.26 -5.40
N VAL A 437 25.43 9.89 -5.61
CA VAL A 437 25.36 11.28 -6.03
C VAL A 437 24.23 11.97 -5.29
N PHE A 438 24.43 13.24 -4.99
CA PHE A 438 23.36 14.06 -4.42
C PHE A 438 22.35 14.40 -5.52
N ALA A 439 21.07 14.40 -5.16
CA ALA A 439 20.03 14.75 -6.10
C ALA A 439 20.24 16.17 -6.63
N THR A 440 20.12 16.32 -7.96
CA THR A 440 20.23 17.64 -8.57
C THR A 440 19.13 18.54 -8.02
N SER A 441 19.54 19.66 -7.44
CA SER A 441 18.62 20.52 -6.72
C SER A 441 18.76 21.96 -7.19
N LEU A 442 17.75 22.77 -6.85
CA LEU A 442 17.73 24.19 -7.18
C LEU A 442 16.93 24.93 -6.12
N ASP A 443 17.49 26.02 -5.60
CA ASP A 443 16.85 26.86 -4.61
C ASP A 443 16.44 28.17 -5.29
N THR A 444 15.14 28.40 -5.41
CA THR A 444 14.64 29.64 -6.01
C THR A 444 13.14 29.69 -5.82
N LYS A 445 12.57 30.85 -6.18
CA LYS A 445 11.11 30.99 -6.29
C LYS A 445 10.74 31.71 -7.57
N ASP A 446 11.68 31.92 -8.49
CA ASP A 446 11.38 32.53 -9.77
C ASP A 446 10.66 31.50 -10.65
N ILE A 447 9.41 31.82 -11.02
CA ILE A 447 8.60 30.86 -11.77
C ILE A 447 9.29 30.50 -13.08
N GLU A 448 9.95 31.47 -13.72
CA GLU A 448 10.63 31.19 -14.99
C GLU A 448 11.75 30.19 -14.80
N GLN A 449 12.55 30.36 -13.74
CA GLN A 449 13.67 29.46 -13.51
C GLN A 449 13.21 28.07 -13.11
N ILE A 450 12.02 27.94 -12.52
CA ILE A 450 11.51 26.63 -12.13
C ILE A 450 11.03 25.85 -13.35
N ALA A 451 10.33 26.52 -14.26
CA ALA A 451 9.84 25.84 -15.46
C ALA A 451 11.01 25.32 -16.30
N GLU A 452 12.09 26.11 -16.40
CA GLU A 452 13.28 25.64 -17.10
C GLU A 452 13.84 24.41 -16.40
N PHE A 453 13.98 24.47 -15.08
CA PHE A 453 14.49 23.34 -14.33
C PHE A 453 13.62 22.10 -14.52
N LEU A 454 12.30 22.29 -14.54
CA LEU A 454 11.39 21.18 -14.78
C LEU A 454 11.63 20.55 -16.15
N GLU A 455 11.89 21.39 -17.16
CA GLU A 455 12.17 20.85 -18.49
C GLU A 455 13.47 20.05 -18.48
N GLN A 456 14.54 20.64 -17.93
CA GLN A 456 15.83 19.95 -17.91
C GLN A 456 15.73 18.61 -17.19
N SER A 457 14.96 18.54 -16.11
CA SER A 457 14.80 17.28 -15.40
C SER A 457 14.23 16.22 -16.32
N VAL A 458 13.26 16.59 -17.17
CA VAL A 458 12.69 15.63 -18.09
C VAL A 458 13.70 15.23 -19.16
N LYS A 459 14.53 16.17 -19.60
CA LYS A 459 15.56 15.83 -20.58
C LYS A 459 16.60 14.91 -19.98
N ASP A 460 16.84 15.02 -18.67
CA ASP A 460 17.79 14.18 -17.96
C ASP A 460 17.16 12.89 -17.43
N SER A 461 16.03 12.47 -18.01
CA SER A 461 15.45 11.15 -17.75
C SER A 461 14.82 11.08 -16.36
N CYS A 462 14.04 12.09 -16.02
CA CYS A 462 13.35 12.13 -14.73
C CYS A 462 11.87 12.42 -14.93
N GLU A 463 11.08 12.02 -13.93
CA GLU A 463 9.64 12.19 -13.98
C GLU A 463 9.20 13.63 -13.78
N GLY A 464 10.07 14.46 -13.22
CA GLY A 464 9.72 15.83 -12.91
C GLY A 464 10.53 16.36 -11.73
N LEU A 465 9.85 17.03 -10.80
CA LEU A 465 10.52 17.68 -9.69
C LEU A 465 9.84 17.34 -8.37
N MET A 466 10.64 17.27 -7.31
CA MET A 466 10.15 17.26 -5.94
C MET A 466 10.41 18.63 -5.35
N VAL A 467 9.41 19.18 -4.65
CA VAL A 467 9.51 20.50 -4.03
C VAL A 467 9.37 20.32 -2.52
N LYS A 468 10.31 20.88 -1.77
CA LYS A 468 10.36 20.69 -0.32
C LYS A 468 10.73 22.02 0.33
N THR A 469 10.04 22.35 1.42
CA THR A 469 10.41 23.54 2.18
C THR A 469 11.74 23.32 2.89
N LEU A 470 12.47 24.41 3.06
CA LEU A 470 13.81 24.36 3.65
C LEU A 470 13.79 24.54 5.15
N ASP A 471 12.90 25.41 5.67
CA ASP A 471 12.90 25.73 7.10
C ASP A 471 11.51 25.81 7.73
N VAL A 472 10.46 26.16 6.98
CA VAL A 472 9.11 26.23 7.53
C VAL A 472 8.43 24.88 7.31
N ASP A 473 8.07 24.21 8.41
CA ASP A 473 7.45 22.89 8.34
C ASP A 473 8.27 21.94 7.48
N ALA A 474 9.58 21.96 7.71
CA ALA A 474 10.54 21.25 6.89
C ALA A 474 11.21 20.10 7.63
N THR A 475 10.58 19.59 8.69
CA THR A 475 11.17 18.51 9.47
C THR A 475 10.80 17.17 8.83
N TYR A 476 11.27 16.08 9.44
CA TYR A 476 11.00 14.72 8.98
C TYR A 476 10.08 13.99 9.96
N GLU A 477 9.08 14.70 10.47
CA GLU A 477 8.15 14.17 11.47
C GLU A 477 6.90 13.68 10.74
N ILE A 478 6.83 12.37 10.49
CA ILE A 478 5.75 11.84 9.67
C ILE A 478 4.43 11.88 10.41
N ALA A 479 4.46 11.77 11.74
CA ALA A 479 3.22 11.83 12.51
C ALA A 479 2.57 13.21 12.44
N LYS A 480 3.33 14.26 12.12
CA LYS A 480 2.74 15.58 11.97
C LYS A 480 2.16 15.78 10.57
N ARG A 481 2.84 15.26 9.55
CA ARG A 481 2.32 15.28 8.18
C ARG A 481 3.11 14.29 7.35
N SER A 482 2.43 13.28 6.82
CA SER A 482 3.12 12.24 6.06
C SER A 482 3.42 12.68 4.63
N HIS A 483 2.63 13.61 4.07
CA HIS A 483 2.86 14.09 2.72
C HIS A 483 3.32 15.54 2.72
N ASN A 484 4.48 15.79 3.32
CA ASN A 484 4.98 17.14 3.49
C ASN A 484 5.71 17.67 2.26
N TRP A 485 5.98 16.82 1.27
CA TRP A 485 6.65 17.23 0.04
C TRP A 485 5.65 17.31 -1.10
N LEU A 486 6.05 17.96 -2.18
CA LEU A 486 5.22 18.16 -3.35
C LEU A 486 5.93 17.60 -4.57
N LYS A 487 5.21 16.81 -5.36
CA LYS A 487 5.72 16.23 -6.60
C LYS A 487 5.03 16.88 -7.78
N LEU A 488 5.82 17.37 -8.74
CA LEU A 488 5.31 17.99 -9.95
C LEU A 488 5.80 17.16 -11.14
N LYS A 489 4.94 16.26 -11.62
CA LYS A 489 5.29 15.37 -12.71
C LYS A 489 4.89 15.97 -14.05
N LYS A 490 5.62 15.56 -15.10
CA LYS A 490 5.36 16.09 -16.43
C LYS A 490 3.93 15.82 -16.88
N ASP A 491 3.38 14.68 -16.49
CA ASP A 491 2.04 14.29 -16.91
C ASP A 491 0.95 14.85 -16.00
N TYR A 492 1.30 15.60 -14.95
CA TYR A 492 0.29 16.28 -14.16
C TYR A 492 -0.19 17.56 -14.84
N LEU A 493 0.62 18.12 -15.73
CA LEU A 493 0.31 19.41 -16.33
C LEU A 493 -0.81 19.28 -17.36
N ASP A 494 -1.72 20.25 -17.35
CA ASP A 494 -2.85 20.26 -18.26
C ASP A 494 -2.36 20.44 -19.70
N GLY A 495 -2.60 19.44 -20.54
CA GLY A 495 -2.20 19.50 -21.92
C GLY A 495 -0.80 19.00 -22.22
N VAL A 496 -0.14 18.37 -21.25
CA VAL A 496 1.20 17.82 -21.43
C VAL A 496 1.16 16.34 -21.14
N GLY A 497 1.96 15.58 -21.88
CA GLY A 497 2.06 14.16 -21.68
C GLY A 497 1.32 13.36 -22.73
N ASP A 498 1.11 12.08 -22.43
CA ASP A 498 0.50 11.14 -23.34
C ASP A 498 -1.00 11.05 -23.09
N THR A 499 -1.80 11.45 -24.07
CA THR A 499 -3.25 11.34 -24.01
C THR A 499 -3.72 10.54 -25.22
N LEU A 500 -4.51 9.50 -24.98
CA LEU A 500 -4.97 8.60 -26.05
C LEU A 500 -6.47 8.45 -25.97
N ASP A 501 -7.07 8.19 -27.14
CA ASP A 501 -8.49 7.88 -27.27
C ASP A 501 -8.61 6.39 -27.59
N LEU A 502 -9.17 5.63 -26.66
CA LEU A 502 -9.18 4.17 -26.74
C LEU A 502 -10.61 3.64 -26.71
N VAL A 503 -10.80 2.47 -27.33
CA VAL A 503 -12.11 1.85 -27.45
C VAL A 503 -12.33 0.90 -26.29
N VAL A 504 -13.52 0.97 -25.68
CA VAL A 504 -13.89 0.06 -24.61
C VAL A 504 -14.42 -1.23 -25.24
N ILE A 505 -13.73 -2.34 -24.97
CA ILE A 505 -14.10 -3.63 -25.53
C ILE A 505 -14.50 -4.65 -24.47
N GLY A 506 -14.37 -4.33 -23.19
CA GLY A 506 -14.74 -5.28 -22.16
C GLY A 506 -14.85 -4.59 -20.82
N ALA A 507 -15.61 -5.22 -19.94
CA ALA A 507 -15.85 -4.70 -18.60
C ALA A 507 -15.59 -5.79 -17.59
N TYR A 508 -15.01 -5.41 -16.46
CA TYR A 508 -14.76 -6.29 -15.33
C TYR A 508 -15.66 -5.90 -14.16
N LEU A 509 -16.27 -6.89 -13.53
CA LEU A 509 -17.14 -6.62 -12.39
C LEU A 509 -16.33 -6.04 -11.23
N GLY A 510 -16.94 -5.12 -10.51
CA GLY A 510 -16.23 -4.43 -9.45
C GLY A 510 -16.20 -5.21 -8.15
N ARG A 511 -15.23 -4.85 -7.30
CA ARG A 511 -15.08 -5.42 -5.98
C ARG A 511 -15.30 -4.35 -4.92
N GLY A 512 -15.78 -4.78 -3.75
CA GLY A 512 -15.91 -3.88 -2.63
C GLY A 512 -16.79 -2.69 -2.94
N LYS A 513 -16.22 -1.48 -2.84
CA LYS A 513 -16.96 -0.27 -3.15
C LYS A 513 -17.49 -0.26 -4.58
N ARG A 514 -16.91 -1.07 -5.45
CA ARG A 514 -17.35 -1.17 -6.84
CA ARG A 514 -17.35 -1.17 -6.84
C ARG A 514 -18.29 -2.34 -7.08
N ALA A 515 -18.65 -3.08 -6.04
CA ALA A 515 -19.50 -4.25 -6.21
C ALA A 515 -20.84 -3.86 -6.84
N GLY A 516 -21.39 -4.76 -7.64
CA GLY A 516 -22.64 -4.53 -8.32
C GLY A 516 -22.53 -3.70 -9.59
N ARG A 517 -21.33 -3.26 -9.95
CA ARG A 517 -21.12 -2.47 -11.15
C ARG A 517 -19.76 -2.84 -11.73
N TYR A 518 -19.33 -2.10 -12.74
CA TYR A 518 -18.04 -2.32 -13.38
C TYR A 518 -16.96 -1.56 -12.61
N GLY A 519 -15.92 -2.27 -12.20
CA GLY A 519 -14.81 -1.65 -11.51
C GLY A 519 -13.66 -1.30 -12.44
N GLY A 520 -13.59 -1.98 -13.57
CA GLY A 520 -12.55 -1.73 -14.55
C GLY A 520 -13.03 -2.05 -15.95
N PHE A 521 -12.22 -1.68 -16.92
CA PHE A 521 -12.58 -1.84 -18.32
C PHE A 521 -11.35 -2.22 -19.12
N LEU A 522 -11.58 -2.94 -20.21
CA LEU A 522 -10.51 -3.33 -21.13
C LEU A 522 -10.57 -2.40 -22.33
N LEU A 523 -9.45 -1.72 -22.59
CA LEU A 523 -9.35 -0.73 -23.66
C LEU A 523 -8.50 -1.28 -24.79
N ALA A 524 -8.73 -0.74 -25.98
CA ALA A 524 -8.02 -1.19 -27.17
C ALA A 524 -7.74 0.00 -28.09
N SER A 525 -6.66 -0.13 -28.87
CA SER A 525 -6.35 0.79 -29.95
C SER A 525 -6.78 0.17 -31.27
N TYR A 526 -6.91 1.02 -32.29
CA TYR A 526 -7.36 0.61 -33.60
C TYR A 526 -6.15 0.37 -34.50
N ASP A 527 -5.97 -0.88 -34.93
CA ASP A 527 -4.92 -1.23 -35.87
C ASP A 527 -5.50 -1.13 -37.28
N GLU A 528 -5.25 -0.01 -37.94
CA GLU A 528 -5.88 0.25 -39.23
C GLU A 528 -5.37 -0.68 -40.33
N ASP A 529 -4.21 -1.31 -40.14
CA ASP A 529 -3.69 -2.21 -41.17
C ASP A 529 -4.56 -3.46 -41.29
N SER A 530 -4.73 -4.19 -40.20
CA SER A 530 -5.57 -5.39 -40.18
C SER A 530 -7.02 -5.09 -39.86
N GLU A 531 -7.39 -3.82 -39.66
CA GLU A 531 -8.75 -3.44 -39.30
C GLU A 531 -9.26 -4.24 -38.10
N GLU A 532 -8.46 -4.23 -37.03
CA GLU A 532 -8.78 -4.95 -35.80
C GLU A 532 -8.53 -4.03 -34.60
N LEU A 533 -9.21 -4.33 -33.51
CA LEU A 533 -8.99 -3.65 -32.24
C LEU A 533 -8.07 -4.52 -31.39
N GLN A 534 -7.02 -3.90 -30.85
CA GLN A 534 -6.01 -4.60 -30.07
C GLN A 534 -6.01 -4.06 -28.65
N ALA A 535 -6.26 -4.94 -27.68
CA ALA A 535 -6.21 -4.54 -26.29
C ALA A 535 -4.87 -3.89 -25.98
N ILE A 536 -4.91 -2.86 -25.15
CA ILE A 536 -3.71 -2.08 -24.85
C ILE A 536 -3.51 -1.98 -23.35
N CYS A 537 -4.60 -1.92 -22.59
CA CYS A 537 -4.50 -1.79 -21.14
C CYS A 537 -5.90 -1.88 -20.54
N LYS A 538 -5.93 -2.09 -19.22
CA LYS A 538 -7.15 -1.96 -18.44
C LYS A 538 -7.21 -0.56 -17.82
N LEU A 539 -8.41 -0.19 -17.41
CA LEU A 539 -8.67 1.13 -16.84
C LEU A 539 -9.58 0.98 -15.64
N GLY A 540 -9.20 1.57 -14.51
CA GLY A 540 -9.95 1.39 -13.29
C GLY A 540 -9.91 2.57 -12.34
N THR A 541 -9.57 3.76 -12.86
CA THR A 541 -9.54 4.96 -12.03
C THR A 541 -9.65 6.18 -12.93
N GLY A 542 -10.02 7.30 -12.33
CA GLY A 542 -10.14 8.56 -13.03
C GLY A 542 -11.56 9.06 -13.18
N PHE A 543 -12.57 8.26 -12.85
CA PHE A 543 -13.96 8.66 -12.97
C PHE A 543 -14.59 8.78 -11.60
N SER A 544 -15.55 9.70 -11.49
CA SER A 544 -16.29 9.86 -10.26
C SER A 544 -17.24 8.68 -10.07
N ASP A 545 -17.83 8.60 -8.87
CA ASP A 545 -18.82 7.56 -8.63
C ASP A 545 -20.03 7.73 -9.54
N GLU A 546 -20.39 8.97 -9.85
CA GLU A 546 -21.55 9.20 -10.73
C GLU A 546 -21.22 8.84 -12.17
N GLU A 547 -20.04 9.23 -12.66
CA GLU A 547 -19.63 8.84 -14.00
C GLU A 547 -19.59 7.32 -14.15
N LEU A 548 -19.11 6.63 -13.12
CA LEU A 548 -18.97 5.18 -13.21
C LEU A 548 -20.31 4.48 -13.20
N GLU A 549 -21.30 5.04 -12.51
CA GLU A 549 -22.64 4.46 -12.56
C GLU A 549 -23.28 4.67 -13.92
N GLU A 550 -22.96 5.79 -14.59
CA GLU A 550 -23.47 6.01 -15.94
C GLU A 550 -22.78 5.10 -16.95
N HIS A 551 -21.47 4.88 -16.79
CA HIS A 551 -20.79 3.90 -17.61
C HIS A 551 -21.43 2.52 -17.46
N HIS A 552 -21.83 2.17 -16.25
CA HIS A 552 -22.46 0.88 -16.03
C HIS A 552 -23.80 0.79 -16.75
N GLN A 553 -24.66 1.79 -16.55
CA GLN A 553 -25.98 1.77 -17.18
C GLN A 553 -25.88 1.84 -18.69
N SER A 554 -24.87 2.52 -19.22
CA SER A 554 -24.74 2.66 -20.67
C SER A 554 -24.14 1.40 -21.29
N LEU A 555 -22.98 0.97 -20.79
CA LEU A 555 -22.29 -0.17 -21.37
C LEU A 555 -23.07 -1.48 -21.19
N LYS A 556 -23.97 -1.55 -20.22
CA LYS A 556 -24.76 -2.76 -20.05
C LYS A 556 -25.51 -3.12 -21.31
N ALA A 557 -25.92 -2.12 -22.10
CA ALA A 557 -26.62 -2.39 -23.35
C ALA A 557 -25.71 -2.90 -24.46
N LEU A 558 -24.39 -2.83 -24.28
CA LEU A 558 -23.44 -3.30 -25.26
C LEU A 558 -22.90 -4.69 -24.94
N VAL A 559 -23.38 -5.32 -23.87
CA VAL A 559 -22.82 -6.61 -23.46
C VAL A 559 -23.07 -7.65 -24.54
N LEU A 560 -22.00 -8.32 -24.97
CA LEU A 560 -22.05 -9.39 -25.94
C LEU A 560 -21.81 -10.73 -25.26
N PRO A 561 -22.32 -11.83 -25.81
CA PRO A 561 -22.05 -13.14 -25.20
C PRO A 561 -20.68 -13.68 -25.58
N SER A 562 -20.21 -13.34 -26.77
CA SER A 562 -18.92 -13.77 -27.27
C SER A 562 -18.22 -12.59 -27.94
N PRO A 563 -16.90 -12.56 -27.94
CA PRO A 563 -16.19 -11.40 -28.52
C PRO A 563 -16.37 -11.31 -30.02
N ARG A 564 -16.34 -10.08 -30.52
CA ARG A 564 -16.28 -9.86 -31.95
C ARG A 564 -15.01 -10.50 -32.52
N PRO A 565 -15.03 -10.93 -33.78
CA PRO A 565 -13.84 -11.59 -34.33
C PRO A 565 -12.67 -10.64 -34.55
N TYR A 566 -12.93 -9.34 -34.74
CA TYR A 566 -11.88 -8.37 -35.01
C TYR A 566 -11.30 -7.76 -33.73
N VAL A 567 -11.56 -8.36 -32.57
CA VAL A 567 -11.06 -7.86 -31.29
C VAL A 567 -10.01 -8.84 -30.79
N ARG A 568 -8.75 -8.40 -30.76
CA ARG A 568 -7.64 -9.20 -30.27
C ARG A 568 -7.26 -8.75 -28.87
N ILE A 569 -7.33 -9.66 -27.90
CA ILE A 569 -6.82 -9.40 -26.56
C ILE A 569 -5.63 -10.26 -26.21
N ASP A 570 -5.40 -11.35 -26.93
CA ASP A 570 -4.30 -12.28 -26.67
C ASP A 570 -4.23 -12.63 -25.18
N GLY A 571 -3.20 -12.17 -24.48
CA GLY A 571 -2.96 -12.58 -23.11
C GLY A 571 -3.60 -11.73 -22.03
N ALA A 572 -4.40 -10.73 -22.38
CA ALA A 572 -5.03 -9.90 -21.38
C ALA A 572 -6.10 -10.68 -20.62
N VAL A 573 -6.41 -10.21 -19.41
CA VAL A 573 -7.43 -10.86 -18.61
C VAL A 573 -8.76 -10.80 -19.34
N ILE A 574 -9.36 -11.96 -19.57
CA ILE A 574 -10.63 -12.00 -20.30
C ILE A 574 -11.66 -11.18 -19.54
N PRO A 575 -12.37 -10.26 -20.19
CA PRO A 575 -13.38 -9.49 -19.46
C PRO A 575 -14.56 -10.35 -19.06
N ASP A 576 -15.17 -9.99 -17.92
CA ASP A 576 -16.37 -10.69 -17.49
C ASP A 576 -17.53 -10.43 -18.45
N HIS A 577 -17.59 -9.24 -19.04
CA HIS A 577 -18.61 -8.88 -20.01
C HIS A 577 -17.90 -8.33 -21.26
N TRP A 578 -17.98 -9.07 -22.36
CA TRP A 578 -17.55 -8.52 -23.63
C TRP A 578 -18.49 -7.40 -24.06
N LEU A 579 -17.93 -6.31 -24.53
CA LEU A 579 -18.70 -5.14 -24.92
C LEU A 579 -18.56 -4.92 -26.43
N ASP A 580 -19.69 -4.69 -27.08
CA ASP A 580 -19.69 -4.33 -28.48
C ASP A 580 -18.88 -3.04 -28.66
N PRO A 581 -17.80 -3.04 -29.42
CA PRO A 581 -16.97 -1.83 -29.53
C PRO A 581 -17.80 -0.65 -30.02
N SER A 582 -17.78 0.42 -29.23
CA SER A 582 -18.56 1.61 -29.57
C SER A 582 -18.06 2.82 -28.79
N ALA A 583 -17.99 2.69 -27.46
CA ALA A 583 -17.58 3.81 -26.62
C ALA A 583 -16.08 4.08 -26.79
N VAL A 584 -15.74 5.35 -26.95
CA VAL A 584 -14.35 5.81 -27.06
C VAL A 584 -14.08 6.77 -25.91
N TRP A 585 -13.10 6.44 -25.08
CA TRP A 585 -12.74 7.24 -23.93
C TRP A 585 -11.36 7.85 -24.11
N GLU A 586 -11.20 9.07 -23.62
CA GLU A 586 -9.91 9.74 -23.60
C GLU A 586 -9.17 9.33 -22.33
N VAL A 587 -7.96 8.82 -22.50
CA VAL A 587 -7.16 8.28 -21.41
C VAL A 587 -5.83 9.00 -21.36
N LYS A 588 -5.35 9.27 -20.16
CA LYS A 588 -4.02 9.81 -19.94
C LYS A 588 -3.19 8.79 -19.17
N CYS A 589 -1.89 8.78 -19.45
CA CYS A 589 -0.96 7.88 -18.80
C CYS A 589 0.36 8.60 -18.57
N ALA A 590 1.23 7.96 -17.79
CA ALA A 590 2.55 8.50 -17.51
C ALA A 590 3.55 8.13 -18.60
N ASP A 591 3.49 6.89 -19.08
CA ASP A 591 4.44 6.40 -20.07
C ASP A 591 3.80 5.26 -20.84
N LEU A 592 4.48 4.83 -21.89
CA LEU A 592 4.14 3.63 -22.64
C LEU A 592 5.24 2.60 -22.44
N SER A 593 4.87 1.33 -22.31
CA SER A 593 5.83 0.27 -22.02
C SER A 593 5.61 -0.91 -22.95
N LEU A 594 6.71 -1.61 -23.25
CA LEU A 594 6.61 -2.86 -23.99
C LEU A 594 5.99 -3.91 -23.09
N SER A 595 4.85 -4.45 -23.51
CA SER A 595 4.06 -5.34 -22.69
C SER A 595 4.32 -6.80 -23.06
N PRO A 596 4.37 -7.69 -22.08
CA PRO A 596 4.44 -9.13 -22.37
C PRO A 596 3.10 -9.80 -22.60
N ILE A 597 1.98 -9.06 -22.56
CA ILE A 597 0.67 -9.67 -22.74
C ILE A 597 -0.17 -8.91 -23.76
N TYR A 598 -0.10 -7.59 -23.76
CA TYR A 598 -1.03 -6.82 -24.59
C TYR A 598 -0.56 -6.82 -26.04
N PRO A 599 -1.44 -7.04 -27.01
CA PRO A 599 -1.03 -7.08 -28.42
C PRO A 599 -1.03 -5.74 -29.12
N ALA A 600 -1.44 -4.66 -28.46
CA ALA A 600 -1.48 -3.36 -29.11
C ALA A 600 -0.14 -3.04 -29.76
N ALA A 601 -0.19 -2.83 -31.08
CA ALA A 601 0.96 -2.41 -31.88
C ALA A 601 2.07 -3.46 -31.93
N ARG A 602 1.75 -4.73 -31.66
CA ARG A 602 2.76 -5.78 -31.81
C ARG A 602 3.30 -5.76 -33.24
N GLY A 603 4.62 -5.91 -33.34
CA GLY A 603 5.30 -5.89 -34.63
C GLY A 603 5.70 -4.51 -35.11
N LEU A 604 5.20 -3.44 -34.47
CA LEU A 604 5.57 -2.10 -34.89
C LEU A 604 6.77 -1.57 -34.13
N VAL A 605 7.15 -2.20 -33.02
CA VAL A 605 8.36 -1.85 -32.28
C VAL A 605 9.18 -3.12 -32.04
N ASP A 606 8.50 -4.20 -31.67
CA ASP A 606 9.15 -5.50 -31.51
C ASP A 606 8.26 -6.56 -32.14
N SER A 607 8.88 -7.67 -32.54
CA SER A 607 8.12 -8.71 -33.23
C SER A 607 7.11 -9.37 -32.31
N ASP A 608 7.47 -9.62 -31.05
CA ASP A 608 6.67 -10.43 -30.15
C ASP A 608 5.83 -9.61 -29.17
N LYS A 609 6.36 -8.51 -28.65
CA LYS A 609 5.71 -7.76 -27.58
C LYS A 609 4.96 -6.55 -28.14
N GLY A 610 3.76 -6.32 -27.61
CA GLY A 610 3.00 -5.12 -27.89
C GLY A 610 3.33 -4.00 -26.93
N ILE A 611 2.40 -3.06 -26.82
CA ILE A 611 2.60 -1.85 -26.02
C ILE A 611 1.40 -1.68 -25.09
N SER A 612 1.68 -1.20 -23.88
CA SER A 612 0.64 -0.90 -22.91
C SER A 612 0.89 0.50 -22.34
N LEU A 613 -0.01 0.94 -21.48
CA LEU A 613 0.06 2.27 -20.87
C LEU A 613 0.42 2.12 -19.40
N ARG A 614 1.37 2.93 -18.95
CA ARG A 614 1.78 2.95 -17.55
C ARG A 614 0.89 3.91 -16.77
N LEU A 615 0.21 3.40 -15.75
CA LEU A 615 -0.67 4.20 -14.91
C LEU A 615 -1.71 4.96 -15.73
N PRO A 616 -2.60 4.27 -16.42
CA PRO A 616 -3.66 4.97 -17.15
C PRO A 616 -4.78 5.42 -16.22
N ARG A 617 -5.36 6.58 -16.54
CA ARG A 617 -6.52 7.08 -15.82
C ARG A 617 -7.52 7.67 -16.81
N PHE A 618 -8.80 7.55 -16.45
CA PHE A 618 -9.87 8.08 -17.26
C PHE A 618 -9.91 9.61 -17.18
N ILE A 619 -10.14 10.25 -18.32
CA ILE A 619 -10.24 11.70 -18.41
C ILE A 619 -11.67 12.11 -18.75
N ARG A 620 -12.18 11.68 -19.91
CA ARG A 620 -13.53 12.02 -20.32
C ARG A 620 -13.94 11.09 -21.45
N VAL A 621 -15.24 10.96 -21.64
CA VAL A 621 -15.79 10.24 -22.77
C VAL A 621 -15.64 11.09 -24.02
N ARG A 622 -15.39 10.44 -25.16
CA ARG A 622 -15.34 11.10 -26.45
C ARG A 622 -16.59 10.70 -27.23
N GLU A 623 -17.70 11.38 -26.93
CA GLU A 623 -18.96 11.12 -27.62
C GLU A 623 -18.89 11.48 -29.10
N ASP A 624 -17.91 12.28 -29.51
CA ASP A 624 -17.79 12.70 -30.89
C ASP A 624 -17.01 11.71 -31.75
N LYS A 625 -16.61 10.57 -31.19
CA LYS A 625 -15.76 9.62 -31.89
C LYS A 625 -16.37 8.21 -31.85
N GLN A 626 -16.22 7.51 -32.96
CA GLN A 626 -16.49 6.08 -33.05
C GLN A 626 -15.19 5.30 -32.96
N PRO A 627 -15.27 3.97 -32.82
CA PRO A 627 -14.02 3.19 -32.72
C PRO A 627 -13.03 3.46 -33.84
N GLU A 628 -13.51 3.70 -35.07
CA GLU A 628 -12.61 3.91 -36.19
C GLU A 628 -11.79 5.18 -36.07
N GLN A 629 -12.18 6.11 -35.19
CA GLN A 629 -11.41 7.32 -34.95
C GLN A 629 -10.58 7.25 -33.67
N ALA A 630 -10.48 6.07 -33.06
CA ALA A 630 -9.66 5.93 -31.87
C ALA A 630 -8.18 6.03 -32.24
N THR A 631 -7.36 6.24 -31.22
CA THR A 631 -5.92 6.27 -31.41
C THR A 631 -5.46 4.98 -32.08
N THR A 632 -4.69 5.11 -33.15
CA THR A 632 -4.30 3.94 -33.92
C THR A 632 -3.05 3.30 -33.32
N SER A 633 -2.91 1.99 -33.56
CA SER A 633 -1.73 1.28 -33.08
C SER A 633 -0.46 1.91 -33.63
N ALA A 634 -0.50 2.38 -34.87
CA ALA A 634 0.64 3.09 -35.44
C ALA A 634 0.98 4.32 -34.61
N GLN A 635 -0.03 5.10 -34.22
CA GLN A 635 0.22 6.27 -33.37
C GLN A 635 0.75 5.84 -32.00
N VAL A 636 0.32 4.68 -31.51
CA VAL A 636 0.85 4.19 -30.24
C VAL A 636 2.34 3.92 -30.37
N ALA A 637 2.75 3.30 -31.49
CA ALA A 637 4.16 3.02 -31.70
C ALA A 637 4.96 4.30 -31.82
N CYS A 638 4.45 5.28 -32.57
CA CYS A 638 5.13 6.57 -32.68
C CYS A 638 5.27 7.22 -31.31
N LEU A 639 4.21 7.19 -30.50
CA LEU A 639 4.32 7.70 -29.13
C LEU A 639 5.43 7.00 -28.36
N TYR A 640 5.52 5.67 -28.48
CA TYR A 640 6.53 4.93 -27.74
C TYR A 640 7.93 5.30 -28.20
N ARG A 641 8.11 5.60 -29.49
CA ARG A 641 9.42 5.99 -29.98
C ARG A 641 9.83 7.35 -29.47
N LYS A 642 8.88 8.30 -29.41
CA LYS A 642 9.20 9.62 -28.89
C LYS A 642 9.77 9.55 -27.48
N GLN A 643 9.42 8.50 -26.72
CA GLN A 643 9.98 8.33 -25.40
C GLN A 643 11.46 7.98 -25.46
N SER A 644 11.82 6.97 -26.27
CA SER A 644 13.18 6.47 -26.35
C SER A 644 14.04 7.46 -27.13
N GLN A 645 14.47 8.50 -26.44
CA GLN A 645 15.33 9.52 -27.04
C GLN A 645 16.21 10.18 -25.98
#